data_8X3Z
#
_entry.id   8X3Z
#
_cell.length_a   58.916
_cell.length_b   129.734
_cell.length_c   220.675
_cell.angle_alpha   90.000
_cell.angle_beta   90.000
_cell.angle_gamma   90.000
#
_symmetry.space_group_name_H-M   'P 21 21 21'
#
loop_
_entity.id
_entity.type
_entity.pdbx_description
1 polymer CsmA
2 non-polymer "ADENOSINE-5'-DIPHOSPHATE"
3 non-polymer 'THIAMINE DIPHOSPHATE'
4 non-polymer 'MAGNESIUM ION'
5 water water
#
_entity_poly.entity_id   1
_entity_poly.type   'polypeptide(L)'
_entity_poly.pdbx_seq_one_letter_code
;MKAARIVLDVLKQNGVQHMFGIPAGSVNAFFDELTQMDDITPVVTKHEGAAGYMAAAYAKYTNHLAVCIACSGPGGTNLV
TGAANAMREHLPVVFLTGAVPVSTLGLNASQELDAEPIFRPVTKYSATVNDVANVVEEITKAVEIALSGVPGPVHIALPI
DVQHQQVPDATLPAAAERNLITPDADVLDRVAEELIARESGYILAGQGIRNAVPALLELAEVLNWPVVTTPQAKGYLPAS
HPLVVGVYGFAGHEAASELVSGDAHNVALIIGSSLGETATNNYNAAITQDRFTVQLDFDASVFNRKYAVDEAVLGDITLS
VPALVEAVKARKGATSPAPLKVKKQAPSEGGSEYTTKNVLLALQQSLPASTRYTIDIGEFMSYMINHLEVKESYTYEINV
HFGAMGSGIGSAIGSKLAEPERPVVCITGDGCFFMHGMELLTAKEYNLPILFVVMNNARLGMVYHGHNLQFKRTHSAFEQ
EPVNISAMAAAMGIPSHRVSEMEDLTEERVQELLSHNGPAVLEVFLKDNSTPPMGDRVKFLSSFGKHHHHHH
;
_entity_poly.pdbx_strand_id   A,B
#
loop_
_chem_comp.id
_chem_comp.type
_chem_comp.name
_chem_comp.formula
ADP non-polymer ADENOSINE-5'-DIPHOSPHATE 'C10 H15 N5 O10 P2'
MG non-polymer 'MAGNESIUM ION' 'Mg 2'
TPP non-polymer 'THIAMINE DIPHOSPHATE' 'C12 H19 N4 O7 P2 S 1'
#
# COMPACT_ATOMS: atom_id res chain seq x y z
N MET A 1 15.25 9.66 29.44
CA MET A 1 14.53 8.69 28.63
C MET A 1 14.99 8.70 27.18
N LYS A 2 14.88 7.55 26.53
CA LYS A 2 15.09 7.47 25.09
C LYS A 2 13.98 8.23 24.39
N ALA A 3 14.30 8.77 23.21
CA ALA A 3 13.30 9.57 22.52
C ALA A 3 12.10 8.71 22.15
N ALA A 4 12.34 7.47 21.77
CA ALA A 4 11.24 6.61 21.40
C ALA A 4 10.30 6.37 22.58
N ARG A 5 10.82 6.35 23.81
CA ARG A 5 9.86 6.08 24.87
C ARG A 5 9.11 7.34 25.27
N ILE A 6 9.72 8.51 25.15
CA ILE A 6 8.97 9.73 25.43
C ILE A 6 7.82 9.86 24.45
N VAL A 7 8.03 9.47 23.18
CA VAL A 7 6.93 9.54 22.20
C VAL A 7 5.78 8.64 22.61
N LEU A 8 6.09 7.43 23.08
CA LEU A 8 5.02 6.56 23.54
C LEU A 8 4.40 7.09 24.82
N ASP A 9 5.21 7.67 25.70
CA ASP A 9 4.63 8.20 26.93
C ASP A 9 3.66 9.35 26.65
N VAL A 10 3.93 10.18 25.63
CA VAL A 10 2.98 11.22 25.25
C VAL A 10 1.69 10.59 24.72
N LEU A 11 1.81 9.57 23.86
CA LEU A 11 0.63 8.88 23.37
C LEU A 11 -0.16 8.26 24.51
N LYS A 12 0.53 7.60 25.45
CA LYS A 12 -0.13 7.00 26.60
C LYS A 12 -0.86 8.06 27.42
N GLN A 13 -0.19 9.18 27.69
CA GLN A 13 -0.82 10.22 28.46
C GLN A 13 -2.05 10.78 27.75
N ASN A 14 -2.15 10.59 26.44
CA ASN A 14 -3.32 11.05 25.67
C ASN A 14 -4.33 9.95 25.44
N GLY A 15 -4.21 8.83 26.17
CA GLY A 15 -5.23 7.82 26.17
C GLY A 15 -5.09 6.68 25.18
N VAL A 16 -4.01 6.63 24.41
CA VAL A 16 -3.85 5.59 23.40
C VAL A 16 -3.57 4.25 24.07
N GLN A 17 -4.36 3.23 23.74
CA GLN A 17 -4.07 1.91 24.33
C GLN A 17 -3.65 0.87 23.29
N HIS A 18 -3.72 1.20 22.00
CA HIS A 18 -3.32 0.32 20.92
C HIS A 18 -2.48 1.10 19.93
N MET A 19 -1.54 0.40 19.28
CA MET A 19 -0.79 0.94 18.15
C MET A 19 -0.79 -0.09 17.03
N PHE A 20 -1.22 0.33 15.84
CA PHE A 20 -1.33 -0.57 14.69
C PHE A 20 -0.13 -0.41 13.77
N GLY A 21 0.43 -1.52 13.31
CA GLY A 21 1.52 -1.48 12.37
C GLY A 21 2.34 -2.76 12.38
N ILE A 22 3.49 -2.69 11.72
CA ILE A 22 4.36 -3.85 11.53
C ILE A 22 5.77 -3.53 11.98
N PRO A 23 6.36 -4.32 12.90
CA PRO A 23 7.69 -4.02 13.41
C PRO A 23 8.81 -4.21 12.39
N ALA A 24 9.90 -3.50 12.61
CA ALA A 24 11.06 -3.61 11.73
C ALA A 24 12.22 -2.94 12.44
N GLY A 25 13.40 -3.03 11.82
CA GLY A 25 14.57 -2.45 12.44
C GLY A 25 14.41 -0.98 12.77
N SER A 26 13.91 -0.18 11.80
CA SER A 26 13.86 1.26 11.99
C SER A 26 12.78 1.71 12.98
N VAL A 27 11.94 0.80 13.48
CA VAL A 27 10.93 1.17 14.47
C VAL A 27 10.97 0.23 15.66
N ASN A 28 12.09 -0.45 15.88
CA ASN A 28 12.06 -1.35 17.03
C ASN A 28 12.59 -0.70 18.30
N ALA A 29 13.05 0.55 18.28
CA ALA A 29 13.09 1.28 19.54
C ALA A 29 11.69 1.37 20.14
N PHE A 30 10.67 1.55 19.29
CA PHE A 30 9.28 1.62 19.74
C PHE A 30 8.80 0.27 20.26
N PHE A 31 9.01 -0.79 19.48
CA PHE A 31 8.49 -2.09 19.88
C PHE A 31 9.26 -2.68 21.07
N ASP A 32 10.57 -2.45 21.16
CA ASP A 32 11.30 -2.94 22.31
C ASP A 32 10.97 -2.17 23.59
N GLU A 33 10.40 -0.96 23.49
CA GLU A 33 9.91 -0.30 24.70
C GLU A 33 8.47 -0.70 25.05
N LEU A 34 7.68 -1.12 24.05
CA LEU A 34 6.34 -1.66 24.27
C LEU A 34 6.38 -3.08 24.83
N THR A 35 7.58 -3.68 24.90
CA THR A 35 7.75 -4.90 25.66
C THR A 35 7.38 -4.68 27.12
N GLN A 36 7.82 -3.55 27.69
CA GLN A 36 7.67 -3.25 29.11
C GLN A 36 6.58 -2.22 29.43
N MET A 37 5.57 -2.08 28.57
CA MET A 37 4.50 -1.11 28.75
C MET A 37 3.24 -1.95 28.80
N ASP A 38 2.68 -2.11 30.02
CA ASP A 38 1.45 -2.87 30.19
C ASP A 38 0.25 -2.08 29.68
N ASP A 39 0.41 -0.78 29.46
CA ASP A 39 -0.76 0.04 29.12
C ASP A 39 -1.04 0.18 27.63
N ILE A 40 -0.11 -0.22 26.75
CA ILE A 40 -0.27 -0.10 25.29
C ILE A 40 0.01 -1.46 24.65
N THR A 41 -0.92 -1.91 23.80
CA THR A 41 -0.79 -3.15 23.05
C THR A 41 -0.41 -2.82 21.61
N PRO A 42 0.71 -3.31 21.08
CA PRO A 42 0.91 -3.22 19.63
C PRO A 42 0.04 -4.26 18.95
N VAL A 43 -0.66 -3.86 17.90
CA VAL A 43 -1.49 -4.73 17.08
C VAL A 43 -0.71 -4.94 15.78
N VAL A 44 -0.08 -6.09 15.61
CA VAL A 44 0.74 -6.37 14.42
C VAL A 44 -0.14 -6.83 13.26
N THR A 45 -0.11 -6.10 12.16
CA THR A 45 -0.95 -6.41 11.02
C THR A 45 -0.13 -7.12 9.94
N LYS A 46 -0.79 -7.51 8.86
CA LYS A 46 -0.12 -8.21 7.77
C LYS A 46 0.29 -7.27 6.65
N HIS A 47 -0.35 -6.10 6.58
CA HIS A 47 -0.01 -5.03 5.63
C HIS A 47 -0.23 -3.70 6.34
N GLU A 48 0.69 -2.75 6.17
CA GLU A 48 0.51 -1.49 6.91
C GLU A 48 -0.68 -0.70 6.38
N GLY A 49 -1.03 -0.88 5.10
CA GLY A 49 -2.24 -0.27 4.59
C GLY A 49 -3.45 -0.64 5.41
N ALA A 50 -3.59 -1.92 5.77
CA ALA A 50 -4.71 -2.30 6.61
C ALA A 50 -4.58 -1.69 8.00
N ALA A 51 -3.36 -1.52 8.50
CA ALA A 51 -3.21 -0.91 9.82
C ALA A 51 -3.84 0.49 9.85
N GLY A 52 -3.75 1.22 8.74
CA GLY A 52 -4.39 2.53 8.69
C GLY A 52 -5.90 2.47 8.70
N TYR A 53 -6.48 1.45 8.05
CA TYR A 53 -7.95 1.33 8.10
C TYR A 53 -8.41 0.98 9.52
N MET A 54 -7.66 0.13 10.23
CA MET A 54 -7.98 -0.20 11.61
C MET A 54 -7.84 1.02 12.52
N ALA A 55 -6.74 1.78 12.37
CA ALA A 55 -6.56 2.97 13.20
C ALA A 55 -7.70 3.97 13.01
N ALA A 56 -8.09 4.25 11.76
CA ALA A 56 -9.20 5.16 11.53
C ALA A 56 -10.48 4.69 12.23
N ALA A 57 -10.85 3.41 12.03
CA ALA A 57 -12.02 2.87 12.72
C ALA A 57 -11.86 2.99 14.24
N TYR A 58 -10.67 2.67 14.75
CA TYR A 58 -10.41 2.76 16.18
C TYR A 58 -10.58 4.19 16.67
N ALA A 59 -10.00 5.15 15.95
CA ALA A 59 -10.20 6.55 16.27
C ALA A 59 -11.69 6.92 16.26
N LYS A 60 -12.42 6.45 15.25
CA LYS A 60 -13.83 6.81 15.14
C LYS A 60 -14.62 6.29 16.33
N TYR A 61 -14.38 5.02 16.71
CA TYR A 61 -15.25 4.35 17.67
C TYR A 61 -14.80 4.51 19.13
N THR A 62 -13.58 4.98 19.39
CA THR A 62 -13.21 5.52 20.69
C THR A 62 -13.42 7.03 20.78
N ASN A 63 -13.91 7.64 19.72
CA ASN A 63 -13.93 9.08 19.58
C ASN A 63 -12.65 9.73 20.15
N HIS A 64 -11.49 9.20 19.76
CA HIS A 64 -10.25 9.86 20.17
C HIS A 64 -9.10 9.49 19.24
N LEU A 65 -7.88 9.63 19.77
CA LEU A 65 -6.63 9.41 19.04
C LEU A 65 -6.44 7.94 18.68
N ALA A 66 -5.77 7.71 17.54
CA ALA A 66 -5.26 6.38 17.17
C ALA A 66 -3.84 6.54 16.65
N VAL A 67 -3.12 5.42 16.55
CA VAL A 67 -1.71 5.46 16.17
C VAL A 67 -1.36 4.31 15.25
N CYS A 68 -0.62 4.61 14.19
CA CYS A 68 0.05 3.64 13.34
C CYS A 68 1.57 3.85 13.41
N ILE A 69 2.32 2.77 13.18
CA ILE A 69 3.77 2.84 13.19
C ILE A 69 4.28 1.92 12.09
N ALA A 70 5.24 2.39 11.30
CA ALA A 70 5.76 1.60 10.19
C ALA A 70 7.24 1.90 10.02
N CYS A 71 7.99 0.93 9.49
CA CYS A 71 9.41 1.14 9.18
C CYS A 71 9.61 2.21 8.10
N SER A 72 10.79 2.78 8.13
CA SER A 72 11.24 3.72 7.14
C SER A 72 11.10 3.13 5.74
N GLY A 73 10.83 3.99 4.76
CA GLY A 73 10.70 3.54 3.42
C GLY A 73 9.38 2.85 3.13
N PRO A 74 9.45 1.54 2.85
CA PRO A 74 8.26 0.83 2.38
C PRO A 74 7.12 0.81 3.38
N GLY A 75 7.40 0.62 4.67
CA GLY A 75 6.34 0.71 5.67
C GLY A 75 5.64 2.06 5.61
N GLY A 76 6.41 3.15 5.62
CA GLY A 76 5.81 4.48 5.56
C GLY A 76 4.92 4.71 4.34
N THR A 77 5.38 4.32 3.13
CA THR A 77 4.56 4.54 1.93
C THR A 77 3.34 3.62 1.89
N ASN A 78 3.42 2.44 2.50
CA ASN A 78 2.23 1.62 2.57
C ASN A 78 1.15 2.27 3.42
N LEU A 79 1.52 3.20 4.33
CA LEU A 79 0.58 3.89 5.20
C LEU A 79 -0.10 5.09 4.52
N VAL A 80 0.40 5.52 3.36
CA VAL A 80 -0.16 6.71 2.72
C VAL A 80 -1.64 6.53 2.38
N THR A 81 -2.04 5.33 1.91
CA THR A 81 -3.47 5.11 1.64
C THR A 81 -4.28 5.30 2.90
N GLY A 82 -3.83 4.73 4.01
CA GLY A 82 -4.57 4.85 5.26
C GLY A 82 -4.67 6.28 5.76
N ALA A 83 -3.66 7.09 5.48
CA ALA A 83 -3.67 8.51 5.85
C ALA A 83 -4.58 9.32 4.94
N ALA A 84 -4.55 9.05 3.62
CA ALA A 84 -5.50 9.73 2.74
C ALA A 84 -6.94 9.43 3.17
N ASN A 85 -7.22 8.17 3.54
CA ASN A 85 -8.56 7.85 3.99
C ASN A 85 -8.91 8.63 5.26
N ALA A 86 -8.04 8.57 6.27
CA ALA A 86 -8.26 9.28 7.52
C ALA A 86 -8.40 10.78 7.30
N MET A 87 -7.69 11.32 6.30
CA MET A 87 -7.76 12.76 6.05
C MET A 87 -9.11 13.13 5.51
N ARG A 88 -9.65 12.31 4.60
CA ARG A 88 -10.97 12.54 4.06
C ARG A 88 -12.05 12.39 5.12
N GLU A 89 -11.84 11.51 6.10
CA GLU A 89 -12.83 11.24 7.13
C GLU A 89 -12.72 12.17 8.33
N HIS A 90 -11.73 13.06 8.35
CA HIS A 90 -11.47 13.94 9.50
C HIS A 90 -11.23 13.16 10.79
N LEU A 91 -10.44 12.10 10.69
CA LEU A 91 -10.20 11.25 11.84
C LEU A 91 -8.78 11.47 12.39
N PRO A 92 -8.61 11.58 13.73
CA PRO A 92 -7.30 11.95 14.29
C PRO A 92 -6.34 10.77 14.48
N VAL A 93 -5.69 10.37 13.39
CA VAL A 93 -4.74 9.26 13.41
C VAL A 93 -3.32 9.82 13.32
N VAL A 94 -2.46 9.43 14.27
CA VAL A 94 -1.03 9.76 14.25
C VAL A 94 -0.31 8.65 13.48
N PHE A 95 0.46 9.05 12.44
CA PHE A 95 1.25 8.12 11.65
C PHE A 95 2.72 8.31 12.02
N LEU A 96 3.29 7.30 12.69
CA LEU A 96 4.70 7.30 13.11
C LEU A 96 5.51 6.48 12.13
N THR A 97 6.49 7.11 11.47
CA THR A 97 7.38 6.33 10.61
C THR A 97 8.81 6.43 11.12
N GLY A 98 9.49 5.29 11.06
CA GLY A 98 10.92 5.25 11.18
C GLY A 98 11.59 6.01 10.06
N ALA A 99 12.89 6.21 10.25
CA ALA A 99 13.70 6.91 9.28
C ALA A 99 15.12 6.41 9.46
N VAL A 100 15.93 6.59 8.42
CA VAL A 100 17.36 6.25 8.51
C VAL A 100 18.05 7.35 9.32
N PRO A 101 19.27 7.10 9.82
CA PRO A 101 19.92 8.09 10.69
C PRO A 101 20.07 9.44 10.01
N VAL A 102 19.95 10.50 10.82
CA VAL A 102 20.19 11.85 10.32
C VAL A 102 21.47 11.92 9.51
N SER A 103 22.58 11.42 10.08
CA SER A 103 23.89 11.43 9.42
C SER A 103 23.87 10.80 8.00
N THR A 104 23.12 9.71 7.82
CA THR A 104 23.21 8.91 6.59
C THR A 104 22.08 9.14 5.59
N LEU A 105 21.20 10.11 5.82
CA LEU A 105 20.20 10.41 4.80
C LEU A 105 20.88 11.18 3.69
N GLY A 106 20.60 10.80 2.43
CA GLY A 106 21.35 11.23 1.27
C GLY A 106 22.36 10.23 0.76
N LEU A 107 22.67 9.19 1.53
CA LEU A 107 23.73 8.24 1.20
C LEU A 107 23.18 6.89 0.73
N ASN A 108 21.89 6.81 0.41
CA ASN A 108 21.26 5.55 0.03
C ASN A 108 21.48 4.50 1.13
N ALA A 109 21.10 4.88 2.34
CA ALA A 109 20.99 3.96 3.46
C ALA A 109 19.85 2.96 3.20
N SER A 110 19.86 1.86 3.93
CA SER A 110 18.88 0.83 3.63
C SER A 110 17.49 1.30 4.02
N GLN A 111 16.54 1.19 3.09
CA GLN A 111 15.17 1.69 3.28
C GLN A 111 15.11 3.22 3.46
N GLU A 112 16.01 3.95 2.81
CA GLU A 112 15.99 5.41 2.89
C GLU A 112 14.80 5.98 2.12
N LEU A 113 14.04 6.85 2.78
CA LEU A 113 13.04 7.65 2.08
C LEU A 113 12.51 8.76 2.98
N ASP A 114 12.55 10.00 2.51
CA ASP A 114 12.06 11.10 3.33
C ASP A 114 10.55 11.14 3.20
N ALA A 115 9.85 10.74 4.27
CA ALA A 115 8.40 10.55 4.21
C ALA A 115 7.63 11.86 4.32
N GLU A 116 8.24 12.91 4.92
CA GLU A 116 7.55 14.18 5.20
C GLU A 116 6.81 14.71 3.96
N PRO A 117 7.45 14.89 2.81
CA PRO A 117 6.69 15.46 1.68
C PRO A 117 5.68 14.48 1.07
N ILE A 118 5.78 13.17 1.34
CA ILE A 118 4.75 12.27 0.82
C ILE A 118 3.49 12.36 1.68
N PHE A 119 3.65 12.49 3.01
CA PHE A 119 2.49 12.60 3.88
C PHE A 119 1.88 14.00 3.89
N ARG A 120 2.63 15.02 3.44
CA ARG A 120 2.16 16.38 3.56
C ARG A 120 0.79 16.61 2.89
N PRO A 121 0.50 16.08 1.70
CA PRO A 121 -0.79 16.35 1.04
C PRO A 121 -1.98 15.63 1.65
N VAL A 122 -1.78 14.63 2.49
CA VAL A 122 -2.84 13.85 3.08
C VAL A 122 -2.82 13.95 4.61
N THR A 123 -2.12 14.95 5.16
CA THR A 123 -2.15 15.19 6.59
C THR A 123 -2.26 16.67 6.90
N LYS A 124 -2.76 16.94 8.11
CA LYS A 124 -2.80 18.29 8.64
C LYS A 124 -1.43 18.78 9.07
N TYR A 125 -0.52 17.87 9.37
CA TYR A 125 0.82 18.25 9.83
C TYR A 125 1.74 17.05 9.61
N SER A 126 2.94 17.32 9.11
CA SER A 126 3.94 16.31 8.80
C SER A 126 5.32 16.89 9.11
N ALA A 127 6.18 16.08 9.74
CA ALA A 127 7.49 16.53 10.24
C ALA A 127 8.41 15.34 10.42
N THR A 128 9.65 15.49 9.98
CA THR A 128 10.74 14.58 10.31
C THR A 128 11.56 15.26 11.38
N VAL A 129 11.69 14.61 12.53
CA VAL A 129 12.32 15.22 13.70
C VAL A 129 13.80 14.83 13.71
N ASN A 130 14.68 15.74 13.30
CA ASN A 130 16.09 15.42 13.07
C ASN A 130 16.98 15.78 14.25
N ASP A 131 16.41 16.20 15.37
CA ASP A 131 17.14 16.69 16.54
C ASP A 131 16.38 16.22 17.77
N VAL A 132 17.05 15.45 18.63
CA VAL A 132 16.37 14.89 19.79
C VAL A 132 15.80 15.97 20.72
N ALA A 133 16.33 17.18 20.65
CA ALA A 133 15.84 18.25 21.50
C ALA A 133 14.44 18.70 21.12
N ASN A 134 13.99 18.36 19.91
CA ASN A 134 12.70 18.78 19.39
C ASN A 134 11.64 17.69 19.43
N VAL A 135 11.95 16.53 19.99
CA VAL A 135 11.03 15.41 19.90
C VAL A 135 9.77 15.66 20.72
N VAL A 136 9.90 16.23 21.92
CA VAL A 136 8.69 16.45 22.73
C VAL A 136 7.84 17.58 22.13
N GLU A 137 8.46 18.63 21.59
CA GLU A 137 7.65 19.69 21.02
C GLU A 137 6.96 19.19 19.74
N GLU A 138 7.55 18.22 19.05
CA GLU A 138 6.98 17.78 17.78
C GLU A 138 5.89 16.74 17.98
N ILE A 139 6.11 15.74 18.83
CA ILE A 139 5.01 14.82 19.08
C ILE A 139 3.86 15.55 19.78
N THR A 140 4.18 16.44 20.74
CA THR A 140 3.12 17.22 21.39
C THR A 140 2.37 18.06 20.38
N LYS A 141 3.11 18.80 19.53
CA LYS A 141 2.47 19.64 18.52
C LYS A 141 1.59 18.80 17.57
N ALA A 142 2.10 17.66 17.11
CA ALA A 142 1.31 16.78 16.24
C ALA A 142 0.02 16.33 16.90
N VAL A 143 0.07 15.98 18.20
CA VAL A 143 -1.12 15.48 18.90
C VAL A 143 -2.19 16.58 19.07
N GLU A 144 -1.79 17.81 19.42
CA GLU A 144 -2.80 18.86 19.53
C GLU A 144 -3.42 19.20 18.17
N ILE A 145 -2.62 19.17 17.10
CA ILE A 145 -3.19 19.52 15.79
C ILE A 145 -4.17 18.45 15.33
N ALA A 146 -3.81 17.18 15.54
CA ALA A 146 -4.69 16.09 15.13
C ALA A 146 -6.06 16.20 15.79
N LEU A 147 -6.09 16.63 17.07
CA LEU A 147 -7.32 16.65 17.86
C LEU A 147 -8.05 17.99 17.84
N SER A 148 -7.39 19.06 17.44
CA SER A 148 -7.93 20.40 17.44
C SER A 148 -8.67 20.76 16.13
N GLY A 149 -9.64 21.69 16.23
CA GLY A 149 -10.31 22.22 15.06
C GLY A 149 -11.13 21.16 14.31
N VAL A 150 -10.86 21.03 13.01
CA VAL A 150 -11.35 19.92 12.22
C VAL A 150 -10.31 18.80 12.34
N PRO A 151 -10.58 17.74 13.09
CA PRO A 151 -9.52 16.76 13.35
C PRO A 151 -9.08 16.10 12.07
N GLY A 152 -7.85 15.60 12.10
CA GLY A 152 -7.27 14.99 10.93
C GLY A 152 -6.02 14.24 11.27
N PRO A 153 -5.51 13.47 10.32
CA PRO A 153 -4.27 12.73 10.59
C PRO A 153 -3.03 13.63 10.57
N VAL A 154 -2.02 13.21 11.34
CA VAL A 154 -0.71 13.85 11.39
C VAL A 154 0.36 12.79 11.18
N HIS A 155 1.53 13.22 10.75
CA HIS A 155 2.66 12.31 10.49
C HIS A 155 3.94 12.85 11.14
N ILE A 156 4.59 11.99 11.92
CA ILE A 156 5.87 12.28 12.58
C ILE A 156 6.87 11.21 12.13
N ALA A 157 7.98 11.65 11.53
CA ALA A 157 9.08 10.75 11.15
C ALA A 157 10.21 10.89 12.17
N LEU A 158 10.64 9.76 12.72
CA LEU A 158 11.70 9.77 13.73
C LEU A 158 12.91 8.95 13.27
N PRO A 159 13.98 9.61 12.82
CA PRO A 159 15.22 8.90 12.47
C PRO A 159 15.65 7.92 13.57
N ILE A 160 16.17 6.77 13.15
CA ILE A 160 16.47 5.68 14.08
C ILE A 160 17.55 6.08 15.09
N ASP A 161 18.52 6.90 14.70
CA ASP A 161 19.49 7.36 15.70
C ASP A 161 18.81 8.23 16.74
N VAL A 162 18.00 9.21 16.30
CA VAL A 162 17.26 10.07 17.23
C VAL A 162 16.40 9.24 18.18
N GLN A 163 15.77 8.18 17.67
CA GLN A 163 14.96 7.31 18.53
C GLN A 163 15.73 6.81 19.74
N HIS A 164 17.05 6.67 19.62
CA HIS A 164 17.80 6.08 20.73
C HIS A 164 18.51 7.11 21.60
N GLN A 165 18.60 8.37 21.17
CA GLN A 165 19.20 9.42 21.98
C GLN A 165 18.33 9.73 23.19
N GLN A 166 18.98 10.16 24.27
CA GLN A 166 18.25 10.63 25.45
C GLN A 166 17.61 11.98 25.17
N VAL A 167 16.42 12.23 25.68
CA VAL A 167 15.85 13.54 25.47
C VAL A 167 16.37 14.39 26.57
N PRO A 168 16.81 15.58 26.26
CA PRO A 168 17.35 16.47 27.26
C PRO A 168 16.38 16.75 28.33
N ASP A 169 15.21 17.23 28.00
CA ASP A 169 14.26 17.50 29.00
C ASP A 169 13.09 16.59 28.78
N ALA A 170 12.86 15.71 29.72
CA ALA A 170 11.80 14.75 29.64
C ALA A 170 10.51 15.16 30.22
N THR A 171 10.31 16.43 30.47
CA THR A 171 9.03 16.80 31.04
C THR A 171 7.94 16.57 30.00
N LEU A 172 6.87 15.87 30.40
CA LEU A 172 5.69 15.54 29.59
C LEU A 172 4.69 16.70 29.61
N PRO A 173 4.14 17.05 28.46
CA PRO A 173 3.07 18.06 28.42
C PRO A 173 1.74 17.46 28.89
N ALA A 174 0.79 18.33 29.19
CA ALA A 174 -0.50 17.77 29.58
C ALA A 174 -1.16 17.11 28.37
N ALA A 175 -2.15 16.27 28.64
CA ALA A 175 -2.93 15.71 27.54
C ALA A 175 -3.62 16.84 26.79
N ALA A 176 -3.66 16.70 25.47
CA ALA A 176 -4.35 17.68 24.62
C ALA A 176 -5.84 17.67 24.89
N GLU A 177 -6.41 18.86 24.94
CA GLU A 177 -7.85 19.03 24.85
C GLU A 177 -8.29 19.22 23.38
N ARG A 178 -9.43 18.69 23.00
CA ARG A 178 -9.96 18.98 21.69
C ARG A 178 -10.41 20.43 21.76
N ASN A 179 -10.01 21.26 20.82
CA ASN A 179 -10.39 22.65 20.77
C ASN A 179 -11.48 22.71 19.74
N LEU A 180 -12.72 22.77 20.16
CA LEU A 180 -13.78 22.71 19.18
C LEU A 180 -14.06 23.99 18.51
N ILE A 181 -14.52 23.95 17.28
CA ILE A 181 -14.96 25.14 16.63
C ILE A 181 -16.24 25.50 17.30
N THR A 182 -16.29 26.66 17.90
CA THR A 182 -17.45 27.15 18.65
C THR A 182 -18.40 27.90 17.71
N PRO A 183 -19.69 27.62 17.80
CA PRO A 183 -20.72 28.29 17.04
C PRO A 183 -21.08 29.66 17.54
N ASP A 184 -21.39 30.54 16.60
CA ASP A 184 -21.80 31.90 16.93
C ASP A 184 -23.24 31.83 17.43
N ALA A 185 -23.44 32.18 18.70
CA ALA A 185 -24.74 32.12 19.28
C ALA A 185 -25.68 33.07 18.62
N ASP A 186 -25.20 34.20 18.16
CA ASP A 186 -26.05 35.11 17.38
C ASP A 186 -26.55 34.41 16.14
N VAL A 187 -25.68 33.67 15.45
CA VAL A 187 -26.13 32.96 14.25
C VAL A 187 -27.20 31.93 14.61
N LEU A 188 -27.02 31.18 15.67
CA LEU A 188 -27.98 30.21 16.04
C LEU A 188 -29.33 30.72 16.45
N ASP A 189 -29.41 31.92 17.02
CA ASP A 189 -30.62 32.61 17.42
C ASP A 189 -31.38 32.97 16.18
N ARG A 190 -30.71 33.47 15.18
CA ARG A 190 -31.35 33.82 13.96
C ARG A 190 -31.79 32.62 13.18
N VAL A 191 -31.00 31.60 13.08
CA VAL A 191 -31.43 30.41 12.35
C VAL A 191 -32.68 29.81 12.98
N ALA A 192 -32.72 29.72 14.32
CA ALA A 192 -33.91 29.19 14.98
C ALA A 192 -35.15 29.98 14.62
N GLU A 193 -35.05 31.32 14.62
CA GLU A 193 -36.20 32.10 14.20
C GLU A 193 -36.53 31.79 12.74
N GLU A 194 -35.50 31.61 11.90
CA GLU A 194 -35.79 31.43 10.48
C GLU A 194 -36.37 30.04 10.21
N LEU A 195 -35.99 29.03 11.01
CA LEU A 195 -36.63 27.72 10.90
C LEU A 195 -38.08 27.76 11.36
N ILE A 196 -38.38 28.44 12.47
CA ILE A 196 -39.78 28.62 12.84
C ILE A 196 -40.51 29.34 11.71
N ALA A 197 -39.92 30.43 11.22
CA ALA A 197 -40.67 31.33 10.35
C ALA A 197 -41.08 30.63 9.05
N ARG A 198 -40.23 29.76 8.54
CA ARG A 198 -40.48 29.17 7.24
C ARG A 198 -41.26 27.86 7.34
N GLU A 199 -41.66 27.45 8.55
CA GLU A 199 -42.68 26.43 8.79
C GLU A 199 -42.43 24.98 8.40
N SER A 200 -42.10 24.75 7.15
CA SER A 200 -41.82 23.40 6.66
C SER A 200 -40.36 23.28 6.24
N GLY A 201 -39.81 22.10 6.47
CA GLY A 201 -38.49 21.76 5.96
C GLY A 201 -38.17 20.30 6.22
N TYR A 202 -36.97 19.88 5.82
CA TYR A 202 -36.49 18.53 6.11
C TYR A 202 -35.02 18.60 6.50
N ILE A 203 -34.57 17.57 7.21
CA ILE A 203 -33.18 17.49 7.63
C ILE A 203 -32.49 16.44 6.79
N LEU A 204 -31.36 16.81 6.18
CA LEU A 204 -30.45 15.87 5.54
C LEU A 204 -29.28 15.69 6.50
N ALA A 205 -29.18 14.52 7.11
CA ALA A 205 -28.15 14.23 8.10
C ALA A 205 -27.04 13.44 7.46
N GLY A 206 -25.84 14.03 7.42
CA GLY A 206 -24.64 13.31 7.05
C GLY A 206 -23.90 12.77 8.28
N GLN A 207 -22.72 12.21 8.05
CA GLN A 207 -22.09 11.51 9.16
C GLN A 207 -21.54 12.45 10.24
N GLY A 208 -21.52 13.75 9.99
CA GLY A 208 -21.11 14.68 11.05
C GLY A 208 -22.03 14.74 12.25
N ILE A 209 -23.19 14.06 12.21
CA ILE A 209 -24.08 14.02 13.36
C ILE A 209 -23.75 12.88 14.28
N ARG A 210 -22.70 12.13 13.96
CA ARG A 210 -22.49 10.84 14.61
C ARG A 210 -22.30 10.94 16.14
N ASN A 211 -21.76 12.06 16.67
CA ASN A 211 -21.62 12.24 18.13
C ASN A 211 -22.74 13.07 18.74
N ALA A 212 -23.81 13.30 18.00
CA ALA A 212 -24.91 14.10 18.51
C ALA A 212 -26.23 13.54 18.00
N VAL A 213 -26.34 12.19 17.98
CA VAL A 213 -27.57 11.57 17.47
C VAL A 213 -28.78 11.91 18.34
N PRO A 214 -28.72 11.79 19.67
CA PRO A 214 -29.92 12.16 20.46
C PRO A 214 -30.32 13.60 20.22
N ALA A 215 -29.34 14.51 20.13
CA ALA A 215 -29.67 15.91 19.88
C ALA A 215 -30.27 16.10 18.50
N LEU A 216 -29.69 15.42 17.50
CA LEU A 216 -30.19 15.52 16.13
C LEU A 216 -31.64 15.05 16.02
N LEU A 217 -32.01 14.04 16.80
CA LEU A 217 -33.33 13.52 16.77
C LEU A 217 -34.24 14.40 17.54
N GLU A 218 -33.77 14.98 18.60
CA GLU A 218 -34.60 15.92 19.33
C GLU A 218 -34.93 17.15 18.49
N LEU A 219 -33.96 17.65 17.70
CA LEU A 219 -34.23 18.79 16.80
C LEU A 219 -35.30 18.46 15.77
N ALA A 220 -35.24 17.28 15.17
CA ALA A 220 -36.29 16.87 14.24
C ALA A 220 -37.65 16.81 14.94
N GLU A 221 -37.69 16.28 16.16
CA GLU A 221 -38.95 16.19 16.90
C GLU A 221 -39.53 17.56 17.21
N VAL A 222 -38.70 18.46 17.72
CA VAL A 222 -39.13 19.81 18.07
C VAL A 222 -39.64 20.55 16.84
N LEU A 223 -39.00 20.36 15.68
CA LEU A 223 -39.47 21.03 14.49
C LEU A 223 -40.63 20.27 13.84
N ASN A 224 -40.80 19.01 14.22
CA ASN A 224 -41.62 18.03 13.50
C ASN A 224 -41.30 18.04 12.01
N TRP A 225 -40.02 17.78 11.71
CA TRP A 225 -39.53 17.70 10.34
C TRP A 225 -39.01 16.29 10.05
N PRO A 226 -39.19 15.80 8.83
CA PRO A 226 -38.63 14.49 8.48
C PRO A 226 -37.13 14.58 8.26
N VAL A 227 -36.46 13.44 8.48
CA VAL A 227 -35.01 13.31 8.34
C VAL A 227 -34.69 12.26 7.27
N VAL A 228 -33.74 12.59 6.39
CA VAL A 228 -33.09 11.61 5.54
C VAL A 228 -31.60 11.61 5.85
N THR A 229 -30.98 10.44 5.79
CA THR A 229 -29.54 10.32 6.01
C THR A 229 -28.82 10.18 4.66
N THR A 230 -27.55 10.57 4.65
CA THR A 230 -26.67 10.21 3.55
C THR A 230 -26.42 8.70 3.62
N PRO A 231 -26.01 8.08 2.51
CA PRO A 231 -25.61 6.67 2.57
C PRO A 231 -24.58 6.38 3.66
N GLN A 232 -23.58 7.25 3.79
CA GLN A 232 -22.56 7.09 4.82
C GLN A 232 -23.13 7.13 6.23
N ALA A 233 -24.23 7.86 6.44
CA ALA A 233 -24.80 7.98 7.78
C ALA A 233 -25.98 7.05 8.01
N LYS A 234 -26.18 6.04 7.16
CA LYS A 234 -27.38 5.20 7.25
C LYS A 234 -27.62 4.67 8.67
N GLY A 235 -26.56 4.22 9.33
CA GLY A 235 -26.70 3.56 10.62
C GLY A 235 -26.82 4.46 11.83
N TYR A 236 -26.91 5.78 11.66
CA TYR A 236 -26.96 6.65 12.84
C TYR A 236 -28.37 6.87 13.36
N LEU A 237 -29.41 6.66 12.55
CA LEU A 237 -30.78 6.89 12.99
C LEU A 237 -31.61 5.62 12.84
N PRO A 238 -32.31 5.17 13.88
CA PRO A 238 -33.03 3.89 13.80
C PRO A 238 -34.26 4.04 12.93
N ALA A 239 -34.57 2.97 12.16
CA ALA A 239 -35.75 2.98 11.28
C ALA A 239 -37.05 3.13 12.07
N SER A 240 -37.06 2.73 13.34
CA SER A 240 -38.24 2.82 14.19
C SER A 240 -38.67 4.27 14.49
N HIS A 241 -37.76 5.23 14.35
CA HIS A 241 -38.12 6.60 14.71
C HIS A 241 -39.09 7.17 13.69
N PRO A 242 -40.21 7.74 14.14
CA PRO A 242 -41.29 8.14 13.21
C PRO A 242 -40.90 9.23 12.21
N LEU A 243 -39.87 10.02 12.48
CA LEU A 243 -39.47 11.07 11.57
C LEU A 243 -38.40 10.64 10.56
N VAL A 244 -37.82 9.45 10.69
CA VAL A 244 -36.69 9.03 9.85
C VAL A 244 -37.24 8.31 8.63
N VAL A 245 -37.03 8.90 7.44
CA VAL A 245 -37.61 8.41 6.19
C VAL A 245 -36.71 7.35 5.54
N GLY A 246 -35.39 7.56 5.54
CA GLY A 246 -34.45 6.63 4.94
C GLY A 246 -33.23 7.35 4.37
N VAL A 247 -32.56 6.66 3.45
CA VAL A 247 -31.31 7.13 2.87
C VAL A 247 -31.62 7.92 1.59
N TYR A 248 -31.01 9.09 1.44
CA TYR A 248 -31.02 9.83 0.19
C TYR A 248 -29.62 9.79 -0.40
N GLY A 249 -29.52 9.43 -1.69
CA GLY A 249 -28.25 9.39 -2.39
C GLY A 249 -27.94 8.01 -2.96
N PHE A 250 -26.65 7.71 -3.05
CA PHE A 250 -26.19 6.44 -3.60
C PHE A 250 -26.88 5.26 -2.92
N ALA A 251 -27.46 4.36 -3.73
CA ALA A 251 -28.18 3.19 -3.25
C ALA A 251 -29.36 3.57 -2.35
N GLY A 252 -29.84 4.81 -2.42
CA GLY A 252 -30.83 5.29 -1.48
C GLY A 252 -32.25 4.82 -1.79
N HIS A 253 -33.19 5.28 -0.95
CA HIS A 253 -34.58 4.84 -0.90
C HIS A 253 -35.54 5.71 -1.73
N GLU A 254 -36.60 5.07 -2.25
CA GLU A 254 -37.55 5.81 -3.08
C GLU A 254 -38.29 6.86 -2.25
N ALA A 255 -38.65 6.52 -1.02
CA ALA A 255 -39.37 7.45 -0.16
C ALA A 255 -38.55 8.69 0.14
N ALA A 256 -37.24 8.52 0.33
CA ALA A 256 -36.37 9.66 0.55
C ALA A 256 -36.19 10.49 -0.72
N SER A 257 -36.09 9.87 -1.91
CA SER A 257 -35.91 10.79 -3.04
C SER A 257 -37.23 11.49 -3.38
N GLU A 258 -38.37 10.86 -3.12
CA GLU A 258 -39.64 11.55 -3.38
C GLU A 258 -39.78 12.78 -2.50
N LEU A 259 -39.34 12.69 -1.25
CA LEU A 259 -39.30 13.84 -0.34
C LEU A 259 -38.43 14.95 -0.89
N VAL A 260 -37.17 14.63 -1.15
CA VAL A 260 -36.21 15.63 -1.58
C VAL A 260 -36.64 16.32 -2.88
N SER A 261 -37.23 15.57 -3.81
CA SER A 261 -37.53 16.13 -5.13
C SER A 261 -38.96 16.70 -5.25
N GLY A 262 -39.80 16.57 -4.22
CA GLY A 262 -41.12 17.15 -4.18
C GLY A 262 -41.09 18.65 -3.86
N ASP A 263 -42.29 19.28 -3.84
CA ASP A 263 -42.44 20.70 -3.52
C ASP A 263 -42.97 20.98 -2.11
N ALA A 264 -42.62 20.19 -1.09
CA ALA A 264 -43.34 20.31 0.17
C ALA A 264 -42.59 20.99 1.32
N HIS A 265 -41.25 21.03 1.31
CA HIS A 265 -40.51 21.47 2.48
C HIS A 265 -39.64 22.68 2.18
N ASN A 266 -39.92 23.80 2.85
CA ASN A 266 -39.37 25.11 2.47
C ASN A 266 -37.88 25.20 2.76
N VAL A 267 -37.44 24.63 3.88
CA VAL A 267 -36.05 24.68 4.32
C VAL A 267 -35.36 23.34 4.08
N ALA A 268 -34.16 23.39 3.54
CA ALA A 268 -33.22 22.27 3.50
C ALA A 268 -32.26 22.47 4.67
N LEU A 269 -32.43 21.69 5.73
CA LEU A 269 -31.57 21.77 6.91
C LEU A 269 -30.46 20.74 6.74
N ILE A 270 -29.29 21.18 6.28
CA ILE A 270 -28.18 20.27 6.03
C ILE A 270 -27.24 20.27 7.25
N ILE A 271 -27.14 19.11 7.89
CA ILE A 271 -26.42 18.97 9.16
C ILE A 271 -25.33 17.91 8.97
N GLY A 272 -24.09 18.35 8.80
CA GLY A 272 -22.98 17.43 8.87
C GLY A 272 -22.84 16.56 7.65
N SER A 273 -22.96 17.15 6.45
CA SER A 273 -22.69 16.49 5.17
C SER A 273 -21.90 17.44 4.28
N SER A 274 -20.85 16.93 3.65
CA SER A 274 -20.09 17.79 2.75
C SER A 274 -20.77 17.92 1.41
N LEU A 275 -21.87 17.20 1.20
CA LEU A 275 -22.63 17.35 -0.03
C LEU A 275 -21.75 16.95 -1.22
N GLY A 276 -21.08 15.81 -1.04
CA GLY A 276 -20.33 15.18 -2.12
C GLY A 276 -21.17 14.23 -2.98
N GLU A 277 -20.47 13.51 -3.86
CA GLU A 277 -21.11 12.68 -4.90
C GLU A 277 -22.17 11.74 -4.35
N THR A 278 -21.87 11.04 -3.24
CA THR A 278 -22.77 9.99 -2.81
C THR A 278 -23.88 10.52 -1.90
N ALA A 279 -23.70 11.70 -1.33
CA ALA A 279 -24.77 12.30 -0.54
C ALA A 279 -25.81 13.01 -1.40
N THR A 280 -25.52 13.31 -2.66
CA THR A 280 -26.34 14.19 -3.48
C THR A 280 -26.82 13.55 -4.78
N ASN A 281 -26.64 12.23 -4.97
CA ASN A 281 -26.99 11.54 -6.21
C ASN A 281 -26.34 12.22 -7.41
N ASN A 282 -25.01 12.28 -7.35
CA ASN A 282 -24.15 12.97 -8.31
C ASN A 282 -24.64 14.40 -8.57
N TYR A 283 -24.64 15.18 -7.47
CA TYR A 283 -24.84 16.63 -7.53
C TYR A 283 -26.16 16.98 -8.25
N ASN A 284 -27.21 16.32 -7.83
CA ASN A 284 -28.56 16.63 -8.28
C ASN A 284 -29.05 17.84 -7.47
N ALA A 285 -29.76 18.76 -8.12
CA ALA A 285 -30.15 20.03 -7.48
C ALA A 285 -31.31 19.90 -6.50
N ALA A 286 -31.99 18.74 -6.46
CA ALA A 286 -33.22 18.62 -5.68
C ALA A 286 -33.05 18.97 -4.20
N ILE A 287 -31.90 18.60 -3.58
CA ILE A 287 -31.74 18.82 -2.13
C ILE A 287 -32.10 20.25 -1.73
N THR A 288 -31.63 21.25 -2.52
CA THR A 288 -31.79 22.67 -2.14
C THR A 288 -32.59 23.49 -3.15
N GLN A 289 -33.11 22.86 -4.21
CA GLN A 289 -33.83 23.63 -5.20
C GLN A 289 -35.15 24.18 -4.68
N ASP A 290 -35.34 25.48 -4.91
CA ASP A 290 -36.55 26.15 -4.47
C ASP A 290 -36.72 26.06 -2.97
N ARG A 291 -35.58 26.00 -2.27
CA ARG A 291 -35.50 25.95 -0.81
C ARG A 291 -34.51 26.98 -0.30
N PHE A 292 -34.74 27.28 0.98
CA PHE A 292 -33.85 28.07 1.83
C PHE A 292 -32.88 27.10 2.51
N THR A 293 -31.59 27.33 2.37
CA THR A 293 -30.58 26.35 2.73
C THR A 293 -29.81 26.77 3.99
N VAL A 294 -29.84 25.91 5.00
CA VAL A 294 -29.09 26.08 6.24
C VAL A 294 -28.17 24.87 6.36
N GLN A 295 -26.88 25.12 6.50
CA GLN A 295 -25.90 24.05 6.61
C GLN A 295 -25.13 24.21 7.90
N LEU A 296 -25.01 23.13 8.66
CA LEU A 296 -24.22 23.09 9.89
C LEU A 296 -22.99 22.24 9.64
N ASP A 297 -21.80 22.83 9.79
CA ASP A 297 -20.57 22.10 9.54
C ASP A 297 -19.43 22.77 10.30
N PHE A 298 -18.42 21.99 10.72
CA PHE A 298 -17.26 22.61 11.37
C PHE A 298 -16.11 22.90 10.43
N ASP A 299 -16.22 22.56 9.15
CA ASP A 299 -15.16 22.82 8.18
C ASP A 299 -15.60 23.95 7.28
N ALA A 300 -14.96 25.13 7.41
CA ALA A 300 -15.48 26.31 6.72
C ALA A 300 -15.36 26.18 5.21
N SER A 301 -14.44 25.35 4.72
CA SER A 301 -14.26 25.15 3.29
C SER A 301 -15.50 24.55 2.64
N VAL A 302 -16.38 23.85 3.38
CA VAL A 302 -17.40 23.10 2.69
C VAL A 302 -18.55 23.95 2.19
N PHE A 303 -18.80 25.12 2.80
CA PHE A 303 -19.95 25.94 2.44
C PHE A 303 -19.77 26.55 1.05
N ASN A 304 -20.79 26.40 0.21
CA ASN A 304 -20.85 27.04 -1.10
C ASN A 304 -19.86 26.43 -2.07
N ARG A 305 -19.44 25.20 -1.80
CA ARG A 305 -18.65 24.46 -2.78
C ARG A 305 -19.45 24.27 -4.06
N LYS A 306 -20.69 23.77 -3.91
CA LYS A 306 -21.54 23.51 -5.06
C LYS A 306 -22.95 24.02 -4.81
N TYR A 307 -23.44 23.87 -3.58
CA TYR A 307 -24.78 24.31 -3.19
C TYR A 307 -24.69 25.64 -2.45
N ALA A 308 -25.33 26.68 -2.99
CA ALA A 308 -25.37 27.97 -2.31
C ALA A 308 -26.10 27.83 -0.99
N VAL A 309 -25.52 28.38 0.08
CA VAL A 309 -26.06 28.28 1.43
C VAL A 309 -26.55 29.67 1.89
N ASP A 310 -27.80 29.75 2.29
CA ASP A 310 -28.32 31.03 2.81
C ASP A 310 -27.86 31.30 4.24
N GLU A 311 -27.69 30.26 5.06
CA GLU A 311 -27.17 30.37 6.43
C GLU A 311 -26.12 29.28 6.61
N ALA A 312 -24.85 29.68 6.74
CA ALA A 312 -23.75 28.76 7.06
C ALA A 312 -23.51 28.84 8.55
N VAL A 313 -23.57 27.69 9.22
CA VAL A 313 -23.43 27.68 10.66
C VAL A 313 -22.13 26.95 10.98
N LEU A 314 -21.04 27.71 11.01
CA LEU A 314 -19.75 27.16 11.38
C LEU A 314 -19.73 26.78 12.85
N GLY A 315 -19.40 25.54 13.14
CA GLY A 315 -19.33 25.05 14.49
C GLY A 315 -19.50 23.54 14.55
N ASP A 316 -18.96 22.98 15.63
CA ASP A 316 -19.07 21.56 15.88
C ASP A 316 -20.51 21.17 16.22
N ILE A 317 -20.97 20.08 15.58
CA ILE A 317 -22.35 19.60 15.72
C ILE A 317 -22.67 19.32 17.19
N THR A 318 -21.69 18.86 17.95
CA THR A 318 -21.95 18.54 19.36
C THR A 318 -22.16 19.78 20.20
N LEU A 319 -21.87 20.97 19.68
CA LEU A 319 -22.25 22.23 20.30
C LEU A 319 -23.48 22.87 19.64
N SER A 320 -23.54 22.91 18.30
CA SER A 320 -24.58 23.69 17.62
C SER A 320 -25.93 22.96 17.55
N VAL A 321 -25.96 21.65 17.39
CA VAL A 321 -27.27 21.02 17.31
C VAL A 321 -27.96 21.11 18.67
N PRO A 322 -27.32 20.76 19.79
CA PRO A 322 -28.01 20.93 21.07
C PRO A 322 -28.36 22.38 21.36
N ALA A 323 -27.50 23.32 20.94
CA ALA A 323 -27.76 24.75 21.10
C ALA A 323 -28.95 25.19 20.26
N LEU A 324 -29.04 24.69 19.01
CA LEU A 324 -30.16 24.99 18.12
C LEU A 324 -31.48 24.45 18.68
N VAL A 325 -31.45 23.28 19.31
CA VAL A 325 -32.62 22.69 19.93
C VAL A 325 -33.13 23.60 21.05
N GLU A 326 -32.21 24.18 21.83
CA GLU A 326 -32.63 25.08 22.90
C GLU A 326 -33.19 26.39 22.35
N ALA A 327 -32.62 26.87 21.23
CA ALA A 327 -33.08 28.12 20.64
C ALA A 327 -34.46 27.94 20.00
N VAL A 328 -34.69 26.79 19.33
CA VAL A 328 -36.00 26.52 18.74
C VAL A 328 -37.06 26.33 19.82
N LYS A 329 -36.71 25.64 20.92
CA LYS A 329 -37.66 25.42 22.01
C LYS A 329 -38.03 26.73 22.71
N ALA A 330 -37.06 27.62 22.92
CA ALA A 330 -37.36 28.88 23.59
C ALA A 330 -38.28 29.75 22.74
N ARG A 331 -38.24 29.60 21.42
CA ARG A 331 -39.03 30.44 20.52
C ARG A 331 -40.34 29.81 20.13
N LYS A 332 -40.70 28.67 20.69
CA LYS A 332 -41.95 28.02 20.34
C LYS A 332 -42.43 27.15 21.49
N VAL A 342 -45.01 11.53 8.42
CA VAL A 342 -44.13 11.52 7.24
C VAL A 342 -44.23 10.17 6.51
N LYS A 343 -43.92 10.15 5.23
CA LYS A 343 -44.05 8.93 4.46
C LYS A 343 -43.28 7.69 4.83
N LYS A 344 -41.95 7.81 4.92
CA LYS A 344 -40.99 6.74 5.23
C LYS A 344 -40.78 5.68 4.13
N GLN A 345 -39.73 4.90 4.27
CA GLN A 345 -39.45 3.89 3.30
C GLN A 345 -39.96 2.56 3.72
N ALA A 346 -40.65 1.86 2.84
CA ALA A 346 -41.16 0.56 3.22
C ALA A 346 -39.97 -0.39 3.48
N PRO A 347 -39.93 -1.10 4.60
CA PRO A 347 -38.81 -2.04 4.83
C PRO A 347 -38.82 -3.12 3.75
N SER A 348 -37.62 -3.62 3.43
CA SER A 348 -37.54 -4.64 2.39
C SER A 348 -37.83 -6.02 2.98
N GLU A 349 -38.48 -6.87 2.18
CA GLU A 349 -38.88 -8.20 2.61
C GLU A 349 -38.03 -9.21 1.86
N GLY A 350 -37.42 -10.15 2.61
CA GLY A 350 -36.56 -11.14 2.00
C GLY A 350 -37.31 -12.35 1.47
N GLY A 351 -36.69 -13.06 0.53
CA GLY A 351 -37.34 -14.20 -0.08
C GLY A 351 -36.51 -15.46 -0.12
N SER A 352 -37.02 -16.47 -0.83
CA SER A 352 -36.39 -17.78 -0.98
C SER A 352 -35.33 -17.84 -2.10
N GLU A 353 -35.47 -17.04 -3.15
CA GLU A 353 -34.54 -17.17 -4.28
C GLU A 353 -33.13 -16.75 -3.88
N TYR A 354 -32.16 -17.38 -4.50
CA TYR A 354 -30.76 -17.18 -4.10
C TYR A 354 -30.23 -15.93 -4.79
N THR A 355 -30.46 -14.79 -4.14
CA THR A 355 -30.04 -13.47 -4.61
C THR A 355 -29.28 -12.76 -3.49
N THR A 356 -28.37 -11.85 -3.89
CA THR A 356 -27.64 -11.08 -2.89
C THR A 356 -28.60 -10.38 -1.94
N LYS A 357 -29.68 -9.81 -2.47
CA LYS A 357 -30.66 -9.18 -1.60
C LYS A 357 -31.18 -10.17 -0.57
N ASN A 358 -31.59 -11.37 -0.99
CA ASN A 358 -32.24 -12.28 -0.06
C ASN A 358 -31.24 -12.90 0.91
N VAL A 359 -29.99 -13.12 0.48
CA VAL A 359 -28.97 -13.64 1.38
C VAL A 359 -28.70 -12.64 2.52
N LEU A 360 -28.50 -11.36 2.20
CA LEU A 360 -28.16 -10.41 3.27
C LEU A 360 -29.33 -10.22 4.23
N LEU A 361 -30.58 -10.24 3.73
CA LEU A 361 -31.73 -10.08 4.61
C LEU A 361 -31.95 -11.29 5.51
N ALA A 362 -31.71 -12.50 4.98
CA ALA A 362 -31.72 -13.69 5.81
C ALA A 362 -30.62 -13.62 6.86
N LEU A 363 -29.43 -13.19 6.45
CA LEU A 363 -28.36 -12.96 7.40
C LEU A 363 -28.83 -12.06 8.55
N GLN A 364 -29.40 -10.90 8.22
CA GLN A 364 -29.73 -9.93 9.27
C GLN A 364 -30.69 -10.52 10.30
N GLN A 365 -31.58 -11.42 9.89
CA GLN A 365 -32.55 -11.92 10.85
C GLN A 365 -31.98 -12.99 11.78
N SER A 366 -30.73 -13.40 11.57
CA SER A 366 -30.09 -14.35 12.46
C SER A 366 -29.09 -13.69 13.43
N LEU A 367 -28.95 -12.36 13.39
CA LEU A 367 -27.92 -11.69 14.19
C LEU A 367 -28.55 -10.80 15.25
N PRO A 368 -27.85 -10.59 16.36
CA PRO A 368 -28.30 -9.64 17.39
C PRO A 368 -28.63 -8.27 16.78
N ALA A 369 -29.62 -7.59 17.38
CA ALA A 369 -29.97 -6.25 16.94
C ALA A 369 -28.80 -5.27 17.07
N SER A 370 -27.88 -5.53 18.00
CA SER A 370 -26.81 -4.57 18.23
C SER A 370 -25.64 -4.72 17.26
N THR A 371 -25.71 -5.67 16.35
CA THR A 371 -24.62 -5.92 15.42
C THR A 371 -24.20 -4.66 14.68
N ARG A 372 -22.88 -4.39 14.67
CA ARG A 372 -22.31 -3.39 13.78
C ARG A 372 -21.87 -4.08 12.49
N TYR A 373 -22.38 -3.59 11.36
CA TYR A 373 -21.94 -4.08 10.06
C TYR A 373 -20.81 -3.18 9.60
N THR A 374 -19.64 -3.75 9.34
CA THR A 374 -18.59 -3.03 8.65
C THR A 374 -18.63 -3.50 7.20
N ILE A 375 -18.82 -2.56 6.28
CA ILE A 375 -19.14 -2.87 4.89
C ILE A 375 -17.96 -2.48 4.00
N ASP A 376 -17.43 -3.47 3.28
CA ASP A 376 -16.32 -3.26 2.36
C ASP A 376 -16.82 -2.68 1.04
N ILE A 377 -15.91 -2.55 0.11
CA ILE A 377 -16.19 -1.84 -1.13
C ILE A 377 -16.47 -2.87 -2.22
N GLY A 378 -17.72 -2.93 -2.65
CA GLY A 378 -18.13 -3.85 -3.69
C GLY A 378 -19.62 -3.74 -3.90
N GLU A 379 -20.11 -4.46 -4.92
CA GLU A 379 -21.52 -4.43 -5.27
C GLU A 379 -22.44 -4.68 -4.05
N PHE A 380 -22.07 -5.61 -3.16
CA PHE A 380 -22.87 -5.92 -1.96
C PHE A 380 -23.14 -4.67 -1.09
N MET A 381 -22.30 -3.64 -1.19
CA MET A 381 -22.51 -2.39 -0.45
C MET A 381 -23.87 -1.79 -0.81
N SER A 382 -24.21 -1.78 -2.10
CA SER A 382 -25.49 -1.21 -2.53
C SER A 382 -26.69 -1.91 -1.92
N TYR A 383 -26.62 -3.25 -1.77
CA TYR A 383 -27.72 -3.98 -1.15
C TYR A 383 -27.83 -3.68 0.36
N MET A 384 -26.69 -3.62 1.05
CA MET A 384 -26.70 -3.30 2.48
C MET A 384 -27.34 -1.94 2.68
N ILE A 385 -26.88 -0.93 1.95
CA ILE A 385 -27.40 0.42 2.15
C ILE A 385 -28.90 0.45 1.87
N ASN A 386 -29.32 -0.17 0.77
CA ASN A 386 -30.70 -0.05 0.31
C ASN A 386 -31.68 -0.95 1.05
N HIS A 387 -31.28 -2.15 1.48
CA HIS A 387 -32.26 -3.17 1.86
C HIS A 387 -32.27 -3.49 3.34
N LEU A 388 -31.13 -3.47 4.01
CA LEU A 388 -31.12 -3.88 5.41
C LEU A 388 -31.70 -2.77 6.29
N GLU A 389 -32.27 -3.18 7.41
CA GLU A 389 -32.93 -2.31 8.38
C GLU A 389 -31.92 -1.80 9.39
N VAL A 390 -32.06 -0.53 9.78
CA VAL A 390 -31.21 0.03 10.85
C VAL A 390 -31.92 -0.24 12.17
N LYS A 391 -31.50 -1.30 12.87
CA LYS A 391 -32.21 -1.71 14.09
C LYS A 391 -31.93 -0.78 15.27
N GLU A 392 -30.70 -0.31 15.42
CA GLU A 392 -30.34 0.67 16.43
C GLU A 392 -29.18 1.52 15.93
N SER A 393 -28.91 2.61 16.63
CA SER A 393 -27.90 3.55 16.19
C SER A 393 -26.52 2.94 16.28
N TYR A 394 -25.59 3.44 15.43
CA TYR A 394 -24.16 3.11 15.44
C TYR A 394 -23.86 1.73 14.86
N THR A 395 -24.64 1.28 13.88
CA THR A 395 -24.56 -0.11 13.46
C THR A 395 -24.11 -0.32 12.02
N TYR A 396 -23.76 0.72 11.26
CA TYR A 396 -23.31 0.57 9.87
C TYR A 396 -22.04 1.39 9.66
N GLU A 397 -20.91 0.71 9.66
CA GLU A 397 -19.63 1.33 9.28
C GLU A 397 -19.50 1.22 7.75
N ILE A 398 -19.80 2.30 7.07
CA ILE A 398 -19.85 2.41 5.62
C ILE A 398 -18.79 3.42 5.20
N ASN A 399 -18.17 3.17 4.05
CA ASN A 399 -17.29 4.15 3.41
C ASN A 399 -17.70 4.23 1.94
N VAL A 400 -18.30 5.33 1.57
CA VAL A 400 -18.66 5.58 0.20
C VAL A 400 -17.98 6.87 -0.18
N HIS A 401 -16.77 7.07 0.31
CA HIS A 401 -15.97 8.25 0.04
C HIS A 401 -14.68 7.84 -0.64
N PHE A 402 -13.62 7.69 0.11
CA PHE A 402 -12.36 7.27 -0.39
C PHE A 402 -12.57 5.89 -0.92
N GLY A 403 -13.23 5.02 -0.16
CA GLY A 403 -13.58 3.66 -0.55
C GLY A 403 -12.42 2.71 -0.89
N ALA A 404 -11.45 2.56 0.01
CA ALA A 404 -10.36 1.63 -0.21
C ALA A 404 -10.84 0.19 0.01
N MET A 405 -10.66 -0.67 -0.99
CA MET A 405 -10.93 -2.09 -0.81
C MET A 405 -10.13 -2.63 0.37
N GLY A 406 -10.79 -3.40 1.22
CA GLY A 406 -10.16 -3.87 2.42
C GLY A 406 -10.35 -2.97 3.61
N SER A 407 -10.89 -1.77 3.43
CA SER A 407 -11.13 -0.93 4.60
C SER A 407 -12.27 -1.50 5.46
N GLY A 408 -13.21 -2.24 4.87
CA GLY A 408 -14.21 -2.96 5.67
C GLY A 408 -13.60 -4.00 6.60
N ILE A 409 -12.67 -4.81 6.06
CA ILE A 409 -11.94 -5.75 6.91
C ILE A 409 -11.18 -5.02 8.03
N GLY A 410 -10.41 -3.98 7.67
CA GLY A 410 -9.70 -3.22 8.69
C GLY A 410 -10.63 -2.60 9.74
N SER A 411 -11.79 -2.09 9.30
CA SER A 411 -12.67 -1.42 10.25
C SER A 411 -13.36 -2.41 11.17
N ALA A 412 -13.57 -3.64 10.73
CA ALA A 412 -14.06 -4.65 11.66
C ALA A 412 -13.07 -4.85 12.81
N ILE A 413 -11.78 -4.98 12.49
CA ILE A 413 -10.77 -5.18 13.52
C ILE A 413 -10.64 -3.95 14.42
N GLY A 414 -10.59 -2.74 13.83
CA GLY A 414 -10.56 -1.54 14.66
C GLY A 414 -11.78 -1.40 15.58
N SER A 415 -12.97 -1.69 15.05
CA SER A 415 -14.18 -1.59 15.86
C SER A 415 -14.18 -2.60 17.00
N LYS A 416 -13.73 -3.83 16.74
CA LYS A 416 -13.76 -4.83 17.81
C LYS A 416 -12.75 -4.52 18.91
N LEU A 417 -11.67 -3.81 18.57
CA LEU A 417 -10.66 -3.37 19.54
C LEU A 417 -11.13 -2.17 20.36
N ALA A 418 -11.93 -1.28 19.78
CA ALA A 418 -12.40 -0.08 20.45
C ALA A 418 -13.71 -0.26 21.22
N GLU A 419 -14.55 -1.21 20.78
CA GLU A 419 -15.86 -1.43 21.36
C GLU A 419 -16.12 -2.93 21.42
N PRO A 420 -15.40 -3.64 22.31
CA PRO A 420 -15.48 -5.12 22.29
C PRO A 420 -16.87 -5.66 22.54
N GLU A 421 -17.67 -4.96 23.35
CA GLU A 421 -19.00 -5.43 23.75
C GLU A 421 -20.01 -5.45 22.61
N ARG A 422 -19.70 -4.81 21.49
CA ARG A 422 -20.63 -4.76 20.39
C ARG A 422 -20.27 -5.81 19.33
N PRO A 423 -21.21 -6.65 18.92
CA PRO A 423 -20.89 -7.65 17.89
C PRO A 423 -20.63 -7.01 16.53
N VAL A 424 -19.75 -7.65 15.76
CA VAL A 424 -19.32 -7.12 14.47
C VAL A 424 -19.43 -8.18 13.39
N VAL A 425 -20.06 -7.82 12.29
CA VAL A 425 -20.09 -8.63 11.08
C VAL A 425 -19.49 -7.78 9.97
N CYS A 426 -18.52 -8.34 9.27
CA CYS A 426 -17.92 -7.66 8.14
C CYS A 426 -18.49 -8.26 6.88
N ILE A 427 -19.10 -7.41 6.05
CA ILE A 427 -19.64 -7.80 4.75
C ILE A 427 -18.58 -7.40 3.73
N THR A 428 -17.93 -8.37 3.14
CA THR A 428 -16.87 -8.10 2.23
C THR A 428 -17.01 -8.87 0.97
N GLY A 429 -16.03 -8.81 0.13
CA GLY A 429 -16.11 -9.51 -1.11
C GLY A 429 -14.92 -10.28 -1.50
N ASP A 430 -15.03 -10.98 -2.63
CA ASP A 430 -13.95 -11.80 -3.15
C ASP A 430 -12.66 -11.02 -3.40
N GLY A 431 -12.77 -9.84 -3.98
CA GLY A 431 -11.60 -9.06 -4.26
C GLY A 431 -11.02 -8.35 -3.10
N CYS A 432 -11.82 -8.00 -2.15
CA CYS A 432 -11.37 -7.37 -0.99
C CYS A 432 -10.71 -8.36 -0.10
N PHE A 433 -10.99 -9.62 -0.26
CA PHE A 433 -10.41 -10.64 0.53
C PHE A 433 -9.05 -10.95 -0.02
N PHE A 434 -8.86 -10.86 -1.30
CA PHE A 434 -7.57 -11.08 -1.88
C PHE A 434 -6.63 -9.95 -1.61
N MET A 435 -7.12 -8.76 -1.40
CA MET A 435 -6.30 -7.63 -1.09
C MET A 435 -5.94 -7.58 0.35
N HIS A 436 -6.91 -7.70 1.22
CA HIS A 436 -6.61 -7.61 2.61
C HIS A 436 -7.08 -8.68 3.52
N GLY A 437 -7.48 -9.81 3.01
CA GLY A 437 -7.92 -10.91 3.85
C GLY A 437 -6.92 -11.72 4.61
N MET A 438 -5.67 -11.35 4.61
CA MET A 438 -4.74 -12.00 5.47
C MET A 438 -4.72 -11.38 6.82
N GLU A 439 -5.55 -10.35 7.00
CA GLU A 439 -5.65 -9.66 8.27
C GLU A 439 -6.48 -10.52 9.21
N LEU A 440 -7.20 -11.48 8.61
CA LEU A 440 -8.01 -12.37 9.37
C LEU A 440 -7.09 -13.13 10.32
N LEU A 441 -5.82 -13.28 9.96
CA LEU A 441 -4.80 -13.78 10.79
C LEU A 441 -4.49 -12.84 11.90
N THR A 442 -4.69 -11.54 11.73
CA THR A 442 -4.51 -10.57 12.73
C THR A 442 -5.67 -10.66 13.64
N ALA A 443 -6.84 -10.95 13.14
CA ALA A 443 -8.00 -11.07 14.00
C ALA A 443 -7.91 -12.29 14.86
N LYS A 444 -7.24 -13.28 14.37
CA LYS A 444 -7.02 -14.53 15.02
C LYS A 444 -6.04 -14.43 16.13
N GLU A 445 -4.95 -13.70 15.89
CA GLU A 445 -3.91 -13.53 16.90
C GLU A 445 -4.34 -12.68 18.10
N TYR A 446 -5.33 -11.82 17.90
CA TYR A 446 -5.82 -10.96 18.97
C TYR A 446 -7.16 -11.44 19.51
N ASN A 447 -7.58 -12.60 19.03
CA ASN A 447 -8.79 -13.25 19.47
C ASN A 447 -9.96 -12.38 19.42
N LEU A 448 -10.33 -11.98 18.24
CA LEU A 448 -11.40 -11.05 18.08
C LEU A 448 -12.52 -11.65 17.37
N PRO A 449 -13.66 -11.69 17.98
CA PRO A 449 -14.84 -12.28 17.38
C PRO A 449 -15.47 -11.46 16.31
N ILE A 450 -15.10 -11.75 15.08
CA ILE A 450 -15.66 -11.08 13.96
C ILE A 450 -16.14 -12.08 12.98
N LEU A 451 -17.33 -11.92 12.46
CA LEU A 451 -17.80 -12.79 11.44
C LEU A 451 -17.57 -12.16 10.13
N PHE A 452 -16.78 -12.76 9.28
CA PHE A 452 -16.54 -12.20 7.99
C PHE A 452 -17.39 -12.87 6.96
N VAL A 453 -18.31 -12.16 6.37
CA VAL A 453 -19.17 -12.69 5.37
C VAL A 453 -18.59 -12.29 4.03
N VAL A 454 -18.10 -13.23 3.29
CA VAL A 454 -17.49 -12.94 2.04
C VAL A 454 -18.38 -13.30 0.92
N MET A 455 -18.63 -12.37 0.02
CA MET A 455 -19.45 -12.61 -1.10
C MET A 455 -18.54 -12.88 -2.22
N ASN A 456 -18.42 -14.11 -2.59
CA ASN A 456 -17.53 -14.55 -3.62
C ASN A 456 -18.22 -14.72 -4.90
N ASN A 457 -17.93 -13.86 -5.85
CA ASN A 457 -18.51 -14.00 -7.13
C ASN A 457 -17.53 -14.24 -8.20
N ALA A 458 -16.29 -14.46 -7.81
CA ALA A 458 -15.18 -14.68 -8.70
C ALA A 458 -14.98 -13.63 -9.77
N ARG A 459 -15.20 -12.38 -9.41
CA ARG A 459 -15.03 -11.27 -10.26
C ARG A 459 -14.97 -10.04 -9.45
N LEU A 460 -14.32 -9.10 -10.06
CA LEU A 460 -14.08 -7.79 -9.58
C LEU A 460 -15.14 -7.08 -10.31
N GLY A 461 -16.29 -6.88 -9.72
CA GLY A 461 -17.35 -6.24 -10.44
C GLY A 461 -17.44 -4.77 -10.15
N MET A 462 -18.65 -4.25 -10.07
CA MET A 462 -18.88 -2.82 -9.79
C MET A 462 -18.07 -1.92 -10.70
N SER A 476 -12.91 -10.05 -19.51
CA SER A 476 -12.43 -11.30 -18.92
C SER A 476 -11.25 -11.11 -17.98
N ALA A 477 -10.65 -9.92 -18.04
CA ALA A 477 -9.70 -9.52 -17.01
C ALA A 477 -10.41 -9.37 -15.66
N PHE A 478 -11.72 -9.08 -15.69
CA PHE A 478 -12.53 -8.92 -14.49
C PHE A 478 -12.94 -10.25 -13.88
N GLU A 479 -13.03 -11.33 -14.67
CA GLU A 479 -13.46 -12.64 -14.17
C GLU A 479 -12.26 -13.56 -13.95
N GLN A 480 -12.33 -14.34 -12.86
CA GLN A 480 -11.23 -15.19 -12.43
C GLN A 480 -11.76 -16.61 -12.28
N GLU A 481 -10.82 -17.56 -12.19
CA GLU A 481 -11.20 -18.87 -11.75
C GLU A 481 -11.57 -18.76 -10.27
N PRO A 482 -12.69 -19.35 -9.84
CA PRO A 482 -13.12 -19.19 -8.45
C PRO A 482 -12.13 -19.81 -7.47
N VAL A 483 -12.04 -19.19 -6.30
CA VAL A 483 -11.26 -19.68 -5.17
C VAL A 483 -12.22 -20.09 -4.07
N ASN A 484 -11.92 -21.21 -3.41
CA ASN A 484 -12.71 -21.68 -2.26
C ASN A 484 -12.27 -20.92 -1.01
N ILE A 485 -12.90 -19.78 -0.74
CA ILE A 485 -12.42 -18.92 0.34
C ILE A 485 -12.68 -19.58 1.69
N SER A 486 -13.79 -20.32 1.79
CA SER A 486 -14.10 -21.10 2.99
C SER A 486 -13.02 -22.15 3.26
N ALA A 487 -12.47 -22.75 2.21
CA ALA A 487 -11.36 -23.69 2.36
C ALA A 487 -10.07 -22.99 2.78
N MET A 488 -9.79 -21.80 2.20
CA MET A 488 -8.64 -21.02 2.66
C MET A 488 -8.74 -20.71 4.15
N ALA A 489 -9.94 -20.31 4.60
CA ALA A 489 -10.11 -19.99 6.02
C ALA A 489 -9.80 -21.20 6.89
N ALA A 490 -10.29 -22.39 6.49
CA ALA A 490 -10.02 -23.59 7.28
C ALA A 490 -8.53 -23.87 7.36
N ALA A 491 -7.80 -23.62 6.26
CA ALA A 491 -6.36 -23.85 6.26
C ALA A 491 -5.64 -22.88 7.18
N MET A 492 -6.21 -21.71 7.40
CA MET A 492 -5.73 -20.73 8.38
C MET A 492 -6.18 -21.07 9.80
N GLY A 493 -6.81 -22.21 10.02
CA GLY A 493 -7.30 -22.51 11.35
C GLY A 493 -8.45 -21.64 11.80
N ILE A 494 -9.32 -21.22 10.87
CA ILE A 494 -10.42 -20.31 11.13
C ILE A 494 -11.71 -21.05 10.79
N PRO A 495 -12.68 -21.12 11.70
CA PRO A 495 -13.97 -21.77 11.38
C PRO A 495 -14.65 -21.11 10.19
N SER A 496 -15.33 -21.94 9.38
CA SER A 496 -16.01 -21.42 8.19
C SER A 496 -17.11 -22.36 7.73
N HIS A 497 -18.06 -21.79 6.98
CA HIS A 497 -19.04 -22.52 6.20
C HIS A 497 -19.13 -21.87 4.83
N ARG A 498 -19.34 -22.68 3.81
CA ARG A 498 -19.61 -22.19 2.47
C ARG A 498 -21.11 -22.23 2.21
N VAL A 499 -21.67 -21.11 1.77
CA VAL A 499 -23.07 -21.03 1.36
C VAL A 499 -23.10 -21.05 -0.17
N SER A 500 -23.75 -22.04 -0.77
CA SER A 500 -23.87 -22.14 -2.21
C SER A 500 -25.31 -22.14 -2.65
N GLU A 501 -26.21 -22.20 -1.68
CA GLU A 501 -27.65 -22.19 -1.91
C GLU A 501 -28.30 -21.51 -0.70
N MET A 502 -29.59 -21.18 -0.79
CA MET A 502 -30.20 -20.51 0.35
C MET A 502 -30.35 -21.42 1.52
N GLU A 503 -30.55 -22.67 1.28
CA GLU A 503 -30.69 -23.65 2.36
C GLU A 503 -29.43 -23.72 3.22
N ASP A 504 -28.28 -23.32 2.68
CA ASP A 504 -27.06 -23.40 3.45
C ASP A 504 -26.98 -22.30 4.50
N LEU A 505 -27.77 -21.24 4.35
CA LEU A 505 -27.70 -20.10 5.25
C LEU A 505 -28.73 -20.29 6.36
N THR A 506 -28.35 -21.00 7.41
CA THR A 506 -29.23 -21.32 8.52
C THR A 506 -28.84 -20.52 9.76
N GLU A 507 -29.82 -20.30 10.64
CA GLU A 507 -29.55 -19.59 11.89
C GLU A 507 -28.55 -20.36 12.76
N GLU A 508 -28.61 -21.69 12.73
CA GLU A 508 -27.66 -22.49 13.50
C GLU A 508 -26.23 -22.24 13.03
N ARG A 509 -26.01 -22.14 11.72
CA ARG A 509 -24.64 -21.96 11.25
C ARG A 509 -24.16 -20.55 11.57
N VAL A 510 -25.01 -19.55 11.35
CA VAL A 510 -24.60 -18.18 11.66
C VAL A 510 -24.26 -18.05 13.14
N GLN A 511 -25.09 -18.63 14.02
CA GLN A 511 -24.86 -18.55 15.45
C GLN A 511 -23.60 -19.32 15.88
N GLU A 512 -23.42 -20.52 15.37
CA GLU A 512 -22.24 -21.27 15.73
C GLU A 512 -20.96 -20.56 15.31
N LEU A 513 -21.02 -19.72 14.27
CA LEU A 513 -19.82 -18.98 13.84
C LEU A 513 -19.54 -17.77 14.74
N LEU A 514 -20.55 -17.13 15.23
CA LEU A 514 -20.39 -15.97 16.05
C LEU A 514 -19.98 -16.34 17.44
N SER A 515 -20.14 -17.59 17.78
CA SER A 515 -19.88 -18.05 19.12
C SER A 515 -18.47 -18.36 19.39
N HIS A 516 -17.66 -18.36 18.37
CA HIS A 516 -16.28 -18.65 18.46
C HIS A 516 -15.57 -17.45 19.01
N ASN A 517 -14.53 -17.66 19.77
CA ASN A 517 -13.75 -16.52 20.28
C ASN A 517 -12.55 -16.26 19.38
N GLY A 518 -12.85 -15.63 18.25
CA GLY A 518 -11.89 -15.33 17.22
C GLY A 518 -12.65 -15.17 15.92
N PRO A 519 -11.95 -14.99 14.80
CA PRO A 519 -12.64 -14.78 13.52
C PRO A 519 -13.32 -16.06 13.00
N ALA A 520 -14.34 -15.85 12.15
CA ALA A 520 -15.02 -16.91 11.43
C ALA A 520 -15.45 -16.36 10.08
N VAL A 521 -15.55 -17.25 9.07
CA VAL A 521 -15.81 -16.88 7.69
C VAL A 521 -17.08 -17.59 7.23
N LEU A 522 -18.06 -16.81 6.76
CA LEU A 522 -19.24 -17.33 6.07
C LEU A 522 -19.05 -16.91 4.60
N GLU A 523 -18.66 -17.85 3.76
CA GLU A 523 -18.41 -17.56 2.35
C GLU A 523 -19.70 -17.76 1.56
N VAL A 524 -20.16 -16.72 0.88
CA VAL A 524 -21.39 -16.80 0.09
C VAL A 524 -20.99 -16.85 -1.39
N PHE A 525 -20.90 -18.08 -1.93
CA PHE A 525 -20.57 -18.30 -3.33
C PHE A 525 -21.82 -18.10 -4.17
N LEU A 526 -21.85 -16.98 -4.90
CA LEU A 526 -23.06 -16.41 -5.46
C LEU A 526 -22.64 -15.56 -6.66
N LYS A 527 -22.95 -16.01 -7.87
CA LYS A 527 -22.74 -15.21 -9.09
C LYS A 527 -24.06 -14.56 -9.51
N ASP A 528 -24.46 -13.50 -8.80
CA ASP A 528 -25.71 -12.77 -9.05
C ASP A 528 -25.46 -11.67 -10.09
N ASN A 529 -26.21 -11.70 -11.20
CA ASN A 529 -25.95 -10.88 -12.38
C ASN A 529 -26.98 -9.73 -12.49
N SER A 530 -27.56 -9.43 -11.34
CA SER A 530 -28.57 -8.41 -11.13
C SER A 530 -27.90 -7.01 -10.97
N THR A 531 -28.68 -5.93 -11.02
CA THR A 531 -28.12 -4.57 -10.80
C THR A 531 -28.41 -4.06 -9.38
N MET B 1 -11.12 9.44 -31.66
CA MET B 1 -9.88 9.11 -30.96
C MET B 1 -9.94 9.61 -29.48
N LYS B 2 -10.43 8.75 -28.58
CA LYS B 2 -10.54 9.10 -27.17
C LYS B 2 -9.15 9.19 -26.49
N ALA B 3 -9.07 10.02 -25.46
CA ALA B 3 -7.81 10.27 -24.79
C ALA B 3 -7.25 9.03 -24.08
N ALA B 4 -8.09 8.22 -23.44
CA ALA B 4 -7.55 7.02 -22.84
C ALA B 4 -7.02 6.08 -23.91
N ARG B 5 -7.60 6.13 -25.08
CA ARG B 5 -7.16 5.21 -26.11
C ARG B 5 -5.87 5.69 -26.76
N ILE B 6 -5.69 7.00 -26.91
CA ILE B 6 -4.42 7.51 -27.41
C ILE B 6 -3.30 7.24 -26.41
N VAL B 7 -3.60 7.25 -25.11
CA VAL B 7 -2.55 6.95 -24.14
C VAL B 7 -2.02 5.53 -24.34
N LEU B 8 -2.92 4.58 -24.56
CA LEU B 8 -2.47 3.22 -24.79
C LEU B 8 -1.79 3.07 -26.15
N ASP B 9 -2.20 3.86 -27.14
CA ASP B 9 -1.49 3.82 -28.43
C ASP B 9 -0.05 4.28 -28.28
N VAL B 10 0.20 5.30 -27.42
CA VAL B 10 1.57 5.72 -27.18
C VAL B 10 2.33 4.61 -26.46
N LEU B 11 1.71 4.02 -25.43
CA LEU B 11 2.33 2.89 -24.75
C LEU B 11 2.54 1.74 -25.71
N LYS B 12 1.55 1.41 -26.53
CA LYS B 12 1.73 0.32 -27.49
C LYS B 12 2.89 0.64 -28.44
N GLN B 13 2.94 1.87 -28.95
CA GLN B 13 4.01 2.22 -29.87
C GLN B 13 5.40 2.18 -29.23
N ASN B 14 5.50 2.30 -27.90
CA ASN B 14 6.76 2.23 -27.18
C ASN B 14 7.07 0.82 -26.67
N GLY B 15 6.40 -0.21 -27.20
CA GLY B 15 6.80 -1.58 -26.94
C GLY B 15 6.16 -2.25 -25.75
N VAL B 16 5.25 -1.56 -25.05
CA VAL B 16 4.59 -2.08 -23.86
C VAL B 16 3.58 -3.14 -24.27
N GLN B 17 3.72 -4.36 -23.72
CA GLN B 17 2.81 -5.47 -24.01
C GLN B 17 2.03 -5.94 -22.79
N HIS B 18 2.33 -5.43 -21.60
CA HIS B 18 1.62 -5.77 -20.38
C HIS B 18 1.34 -4.50 -19.60
N MET B 19 0.22 -4.47 -18.88
CA MET B 19 -0.07 -3.41 -17.92
C MET B 19 -0.54 -4.03 -16.61
N PHE B 20 0.14 -3.69 -15.52
CA PHE B 20 -0.18 -4.27 -14.23
C PHE B 20 -1.05 -3.31 -13.43
N GLY B 21 -2.06 -3.84 -12.77
CA GLY B 21 -2.91 -3.03 -11.92
C GLY B 21 -4.25 -3.69 -11.69
N ILE B 22 -5.16 -2.90 -11.10
CA ILE B 22 -6.48 -3.40 -10.70
C ILE B 22 -7.55 -2.51 -11.33
N PRO B 23 -8.47 -3.09 -12.09
CA PRO B 23 -9.51 -2.28 -12.74
C PRO B 23 -10.52 -1.73 -11.75
N ALA B 24 -11.14 -0.62 -12.14
CA ALA B 24 -12.11 0.10 -11.34
C ALA B 24 -12.83 1.07 -12.25
N GLY B 25 -13.83 1.75 -11.70
CA GLY B 25 -14.61 2.69 -12.51
C GLY B 25 -13.76 3.77 -13.14
N SER B 26 -12.85 4.39 -12.37
CA SER B 26 -12.09 5.55 -12.82
C SER B 26 -10.99 5.21 -13.82
N VAL B 27 -10.76 3.93 -14.14
CA VAL B 27 -9.74 3.57 -15.12
C VAL B 27 -10.31 2.58 -16.11
N ASN B 28 -11.64 2.48 -16.19
CA ASN B 28 -12.24 1.44 -17.00
C ASN B 28 -12.41 1.88 -18.46
N ALA B 29 -12.15 3.15 -18.76
CA ALA B 29 -11.89 3.52 -20.13
C ALA B 29 -10.65 2.81 -20.66
N PHE B 30 -9.63 2.63 -19.82
CA PHE B 30 -8.41 1.94 -20.24
C PHE B 30 -8.66 0.45 -20.45
N PHE B 31 -9.26 -0.21 -19.45
CA PHE B 31 -9.50 -1.65 -19.54
C PHE B 31 -10.56 -1.95 -20.61
N ASP B 32 -11.55 -1.07 -20.74
CA ASP B 32 -12.55 -1.27 -21.78
C ASP B 32 -11.96 -1.07 -23.17
N GLU B 33 -10.82 -0.39 -23.28
CA GLU B 33 -10.10 -0.32 -24.53
C GLU B 33 -9.11 -1.46 -24.69
N LEU B 34 -8.68 -2.11 -23.59
CA LEU B 34 -7.78 -3.26 -23.67
C LEU B 34 -8.50 -4.54 -24.09
N THR B 35 -9.83 -4.52 -24.08
CA THR B 35 -10.63 -5.54 -24.76
C THR B 35 -10.40 -5.49 -26.27
N GLN B 36 -10.22 -4.29 -26.83
CA GLN B 36 -10.09 -4.12 -28.27
C GLN B 36 -8.64 -4.13 -28.75
N MET B 37 -7.69 -4.59 -27.93
CA MET B 37 -6.26 -4.54 -28.24
C MET B 37 -5.66 -5.93 -28.10
N ASP B 38 -5.25 -6.53 -29.24
CA ASP B 38 -4.61 -7.84 -29.21
C ASP B 38 -3.16 -7.79 -28.68
N ASP B 39 -2.56 -6.61 -28.61
CA ASP B 39 -1.13 -6.46 -28.34
C ASP B 39 -0.81 -6.19 -26.89
N ILE B 40 -1.80 -5.86 -26.06
CA ILE B 40 -1.59 -5.50 -24.67
C ILE B 40 -2.43 -6.38 -23.76
N THR B 41 -1.76 -7.02 -22.81
CA THR B 41 -2.39 -7.86 -21.82
C THR B 41 -2.48 -7.08 -20.53
N PRO B 42 -3.66 -6.88 -19.97
CA PRO B 42 -3.75 -6.38 -18.58
C PRO B 42 -3.47 -7.54 -17.64
N VAL B 43 -2.62 -7.31 -16.64
CA VAL B 43 -2.32 -8.28 -15.59
C VAL B 43 -2.99 -7.75 -14.31
N VAL B 44 -4.14 -8.32 -13.98
CA VAL B 44 -4.90 -7.88 -12.82
C VAL B 44 -4.31 -8.52 -11.56
N THR B 45 -3.86 -7.69 -10.63
CA THR B 45 -3.21 -8.13 -9.40
C THR B 45 -4.21 -8.07 -8.24
N LYS B 46 -3.79 -8.51 -7.05
CA LYS B 46 -4.69 -8.52 -5.89
C LYS B 46 -4.55 -7.29 -5.01
N HIS B 47 -3.38 -6.62 -5.06
CA HIS B 47 -3.09 -5.35 -4.39
C HIS B 47 -2.22 -4.53 -5.34
N GLU B 48 -2.50 -3.22 -5.50
CA GLU B 48 -1.71 -2.44 -6.47
C GLU B 48 -0.27 -2.27 -6.02
N GLY B 49 0.00 -2.35 -4.72
CA GLY B 49 1.39 -2.34 -4.29
C GLY B 49 2.20 -3.41 -4.99
N ALA B 50 1.67 -4.64 -5.04
CA ALA B 50 2.42 -5.69 -5.72
C ALA B 50 2.50 -5.41 -7.22
N ALA B 51 1.48 -4.75 -7.79
CA ALA B 51 1.51 -4.43 -9.21
C ALA B 51 2.74 -3.57 -9.54
N GLY B 52 3.11 -2.66 -8.66
CA GLY B 52 4.32 -1.88 -8.87
C GLY B 52 5.61 -2.70 -8.78
N TYR B 53 5.65 -3.68 -7.85
CA TYR B 53 6.84 -4.54 -7.79
C TYR B 53 6.99 -5.37 -9.06
N MET B 54 5.86 -5.89 -9.59
CA MET B 54 5.91 -6.66 -10.83
C MET B 54 6.37 -5.78 -11.98
N ALA B 55 5.83 -4.55 -12.04
CA ALA B 55 6.21 -3.62 -13.10
C ALA B 55 7.72 -3.34 -13.06
N ALA B 56 8.26 -3.02 -11.88
CA ALA B 56 9.69 -2.77 -11.78
C ALA B 56 10.49 -3.97 -12.30
N ALA B 57 10.18 -5.17 -11.79
CA ALA B 57 10.86 -6.35 -12.32
C ALA B 57 10.64 -6.49 -13.83
N TYR B 58 9.40 -6.26 -14.29
CA TYR B 58 9.14 -6.38 -15.72
C TYR B 58 9.96 -5.37 -16.53
N ALA B 59 10.01 -4.12 -16.08
CA ALA B 59 10.90 -3.14 -16.70
C ALA B 59 12.34 -3.63 -16.73
N LYS B 60 12.82 -4.17 -15.61
CA LYS B 60 14.23 -4.54 -15.49
C LYS B 60 14.62 -5.61 -16.50
N TYR B 61 13.81 -6.67 -16.61
CA TYR B 61 14.16 -7.87 -17.35
C TYR B 61 13.77 -7.88 -18.83
N THR B 62 12.92 -6.94 -19.27
CA THR B 62 12.75 -6.59 -20.68
C THR B 62 13.66 -5.43 -21.05
N ASN B 63 14.45 -4.94 -20.10
CA ASN B 63 15.22 -3.70 -20.17
C ASN B 63 14.48 -2.62 -20.99
N HIS B 64 13.22 -2.35 -20.65
CA HIS B 64 12.48 -1.26 -21.31
C HIS B 64 11.32 -0.82 -20.42
N LEU B 65 10.33 -0.16 -21.01
CA LEU B 65 9.23 0.47 -20.28
C LEU B 65 8.28 -0.56 -19.65
N ALA B 66 7.74 -0.22 -18.48
CA ALA B 66 6.62 -0.95 -17.88
C ALA B 66 5.55 0.05 -17.41
N VAL B 67 4.34 -0.47 -17.17
CA VAL B 67 3.17 0.37 -16.89
C VAL B 67 2.34 -0.27 -15.78
N CYS B 68 1.94 0.54 -14.81
CA CYS B 68 0.91 0.20 -13.83
C CYS B 68 -0.28 1.10 -14.00
N ILE B 69 -1.44 0.62 -13.56
CA ILE B 69 -2.64 1.42 -13.67
C ILE B 69 -3.48 1.17 -12.43
N ALA B 70 -3.94 2.23 -11.80
CA ALA B 70 -4.77 2.09 -10.60
C ALA B 70 -5.86 3.14 -10.63
N CYS B 71 -6.98 2.79 -9.97
CA CYS B 71 -8.11 3.69 -9.75
C CYS B 71 -7.70 4.98 -9.01
N SER B 72 -8.48 6.02 -9.23
CA SER B 72 -8.32 7.25 -8.47
C SER B 72 -8.43 6.96 -6.96
N GLY B 73 -7.72 7.72 -6.16
CA GLY B 73 -7.77 7.54 -4.73
C GLY B 73 -6.96 6.37 -4.22
N PRO B 74 -7.64 5.37 -3.63
CA PRO B 74 -6.91 4.29 -2.95
C PRO B 74 -6.01 3.47 -3.88
N GLY B 75 -6.45 3.18 -5.10
CA GLY B 75 -5.55 2.55 -6.05
C GLY B 75 -4.27 3.36 -6.27
N GLY B 76 -4.42 4.65 -6.57
CA GLY B 76 -3.26 5.50 -6.77
C GLY B 76 -2.33 5.52 -5.57
N THR B 77 -2.88 5.69 -4.36
CA THR B 77 -2.00 5.76 -3.20
C THR B 77 -1.36 4.40 -2.91
N ASN B 78 -2.02 3.29 -3.26
CA ASN B 78 -1.39 1.98 -3.05
C ASN B 78 -0.15 1.76 -3.92
N LEU B 79 -0.03 2.51 -5.02
CA LEU B 79 1.12 2.42 -5.91
C LEU B 79 2.31 3.19 -5.40
N VAL B 80 2.14 4.05 -4.39
CA VAL B 80 3.25 4.89 -3.95
C VAL B 80 4.43 4.04 -3.51
N THR B 81 4.19 2.94 -2.80
CA THR B 81 5.31 2.08 -2.44
C THR B 81 6.03 1.59 -3.67
N GLY B 82 5.26 1.14 -4.67
CA GLY B 82 5.87 0.57 -5.87
C GLY B 82 6.70 1.59 -6.66
N ALA B 83 6.30 2.86 -6.61
CA ALA B 83 7.03 3.93 -7.28
C ALA B 83 8.28 4.32 -6.53
N ALA B 84 8.19 4.38 -5.20
CA ALA B 84 9.38 4.64 -4.41
C ALA B 84 10.46 3.62 -4.70
N ASN B 85 10.06 2.35 -4.87
CA ASN B 85 11.00 1.29 -5.19
C ASN B 85 11.62 1.49 -6.57
N ALA B 86 10.78 1.71 -7.60
CA ALA B 86 11.30 1.95 -8.95
C ALA B 86 12.20 3.17 -9.00
N MET B 87 11.93 4.17 -8.14
CA MET B 87 12.74 5.40 -8.14
C MET B 87 14.13 5.12 -7.63
N ARG B 88 14.23 4.40 -6.51
CA ARG B 88 15.54 4.03 -5.96
C ARG B 88 16.30 3.08 -6.89
N GLU B 89 15.57 2.24 -7.64
CA GLU B 89 16.15 1.28 -8.57
C GLU B 89 16.41 1.85 -9.95
N HIS B 90 16.04 3.11 -10.20
CA HIS B 90 16.19 3.76 -11.52
C HIS B 90 15.52 2.93 -12.62
N LEU B 91 14.25 2.52 -12.37
CA LEU B 91 13.54 1.69 -13.33
C LEU B 91 12.45 2.49 -14.05
N PRO B 92 12.28 2.31 -15.38
CA PRO B 92 11.33 3.15 -16.15
C PRO B 92 9.90 2.62 -16.13
N VAL B 93 9.20 2.87 -15.04
CA VAL B 93 7.83 2.43 -14.82
C VAL B 93 6.91 3.63 -14.91
N VAL B 94 5.92 3.56 -15.81
CA VAL B 94 4.87 4.57 -15.91
C VAL B 94 3.74 4.20 -14.96
N PHE B 95 3.33 5.14 -14.09
CA PHE B 95 2.22 4.92 -13.17
C PHE B 95 1.00 5.74 -13.64
N LEU B 96 -0.04 5.05 -14.11
CA LEU B 96 -1.28 5.70 -14.58
C LEU B 96 -2.35 5.64 -13.51
N THR B 97 -2.85 6.78 -13.06
CA THR B 97 -3.96 6.77 -12.12
C THR B 97 -5.14 7.49 -12.74
N GLY B 98 -6.31 6.90 -12.57
CA GLY B 98 -7.55 7.63 -12.78
C GLY B 98 -7.66 8.77 -11.81
N ALA B 99 -8.64 9.63 -12.07
CA ALA B 99 -8.93 10.79 -11.23
C ALA B 99 -10.41 11.11 -11.40
N VAL B 100 -10.98 11.83 -10.45
CA VAL B 100 -12.39 12.21 -10.56
C VAL B 100 -12.48 13.27 -11.64
N PRO B 101 -13.68 13.58 -12.16
CA PRO B 101 -13.78 14.53 -13.27
C PRO B 101 -13.22 15.91 -12.92
N VAL B 102 -12.60 16.55 -13.91
CA VAL B 102 -12.10 17.91 -13.76
C VAL B 102 -13.10 18.84 -13.08
N SER B 103 -14.34 18.87 -13.60
CA SER B 103 -15.42 19.72 -13.06
C SER B 103 -15.59 19.57 -11.55
N THR B 104 -15.41 18.36 -11.01
CA THR B 104 -15.83 18.04 -9.64
C THR B 104 -14.70 17.92 -8.61
N LEU B 105 -13.44 18.23 -8.94
CA LEU B 105 -12.41 18.19 -7.92
C LEU B 105 -12.55 19.38 -6.98
N GLY B 106 -12.39 19.13 -5.66
CA GLY B 106 -12.72 20.09 -4.61
C GLY B 106 -14.09 19.91 -4.00
N LEU B 107 -14.92 19.04 -4.59
CA LEU B 107 -16.31 18.84 -4.20
C LEU B 107 -16.54 17.51 -3.49
N ASN B 108 -15.46 16.80 -3.12
CA ASN B 108 -15.51 15.47 -2.49
C ASN B 108 -16.30 14.46 -3.36
N ALA B 109 -15.83 14.30 -4.59
CA ALA B 109 -16.30 13.19 -5.41
C ALA B 109 -15.81 11.85 -4.87
N SER B 110 -16.44 10.76 -5.34
CA SER B 110 -16.09 9.44 -4.84
C SER B 110 -14.68 9.07 -5.28
N GLN B 111 -13.85 8.70 -4.29
CA GLN B 111 -12.44 8.39 -4.51
C GLN B 111 -11.66 9.62 -5.02
N GLU B 112 -12.06 10.83 -4.60
CA GLU B 112 -11.33 12.04 -4.99
C GLU B 112 -10.00 12.18 -4.22
N LEU B 113 -8.91 12.33 -4.96
CA LEU B 113 -7.61 12.68 -4.40
C LEU B 113 -6.65 13.12 -5.49
N ASP B 114 -6.04 14.29 -5.31
CA ASP B 114 -5.04 14.78 -6.25
C ASP B 114 -3.74 14.07 -5.94
N ALA B 115 -3.38 13.14 -6.84
CA ALA B 115 -2.23 12.28 -6.67
C ALA B 115 -0.92 12.98 -7.04
N GLU B 116 -0.98 14.03 -7.88
CA GLU B 116 0.25 14.69 -8.38
C GLU B 116 1.25 14.99 -7.27
N PRO B 117 0.89 15.68 -6.18
CA PRO B 117 1.89 15.99 -5.15
C PRO B 117 2.28 14.80 -4.27
N ILE B 118 1.54 13.69 -4.30
CA ILE B 118 1.94 12.51 -3.54
C ILE B 118 3.03 11.74 -4.30
N PHE B 119 2.92 11.65 -5.62
CA PHE B 119 3.93 10.98 -6.44
C PHE B 119 5.15 11.86 -6.69
N ARG B 120 5.06 13.17 -6.44
CA ARG B 120 6.15 14.05 -6.80
C ARG B 120 7.48 13.66 -6.13
N PRO B 121 7.52 13.26 -4.85
CA PRO B 121 8.81 12.94 -4.21
C PRO B 121 9.40 11.60 -4.61
N VAL B 122 8.62 10.73 -5.26
CA VAL B 122 9.05 9.40 -5.64
C VAL B 122 8.98 9.17 -7.15
N THR B 123 8.90 10.24 -7.96
CA THR B 123 8.94 10.09 -9.41
C THR B 123 9.80 11.19 -10.04
N LYS B 124 10.30 10.88 -11.26
CA LYS B 124 11.02 11.86 -12.08
C LYS B 124 10.09 12.93 -12.64
N TYR B 125 8.81 12.60 -12.81
CA TYR B 125 7.82 13.53 -13.35
C TYR B 125 6.44 13.05 -12.91
N SER B 126 5.57 14.00 -12.56
CA SER B 126 4.21 13.75 -12.10
C SER B 126 3.25 14.83 -12.59
N ALA B 127 2.09 14.44 -13.08
CA ALA B 127 1.21 15.46 -13.61
C ALA B 127 -0.23 14.98 -13.64
N THR B 128 -1.14 15.88 -13.25
CA THR B 128 -2.56 15.65 -13.45
C THR B 128 -2.98 16.43 -14.71
N VAL B 129 -3.49 15.71 -15.70
CA VAL B 129 -3.74 16.28 -17.03
C VAL B 129 -5.21 16.73 -17.07
N ASN B 130 -5.44 18.05 -17.02
CA ASN B 130 -6.77 18.60 -16.86
C ASN B 130 -7.37 19.11 -18.15
N ASP B 131 -6.74 18.83 -19.29
CA ASP B 131 -7.24 19.28 -20.58
C ASP B 131 -6.96 18.18 -21.58
N VAL B 132 -7.99 17.72 -22.27
CA VAL B 132 -7.76 16.70 -23.28
C VAL B 132 -6.77 17.20 -24.34
N ALA B 133 -6.67 18.51 -24.52
CA ALA B 133 -5.75 19.01 -25.53
C ALA B 133 -4.29 18.85 -25.12
N ASN B 134 -4.02 18.63 -23.83
CA ASN B 134 -2.65 18.48 -23.33
C ASN B 134 -2.27 17.03 -23.09
N VAL B 135 -3.15 16.08 -23.41
CA VAL B 135 -2.94 14.67 -23.07
C VAL B 135 -1.78 14.07 -23.87
N VAL B 136 -1.73 14.30 -25.19
CA VAL B 136 -0.67 13.66 -25.97
C VAL B 136 0.70 14.21 -25.57
N GLU B 137 0.78 15.51 -25.28
CA GLU B 137 2.04 16.08 -24.84
C GLU B 137 2.44 15.52 -23.46
N GLU B 138 1.46 15.12 -22.66
CA GLU B 138 1.81 14.68 -21.30
C GLU B 138 2.27 13.23 -21.27
N ILE B 139 1.58 12.32 -21.96
CA ILE B 139 2.05 10.94 -21.95
C ILE B 139 3.37 10.84 -22.73
N THR B 140 3.49 11.60 -23.81
CA THR B 140 4.72 11.64 -24.59
C THR B 140 5.92 12.07 -23.74
N LYS B 141 5.76 13.17 -23.02
CA LYS B 141 6.80 13.68 -22.12
C LYS B 141 7.12 12.68 -20.99
N ALA B 142 6.10 12.13 -20.35
CA ALA B 142 6.35 11.14 -19.30
C ALA B 142 7.20 9.98 -19.80
N VAL B 143 6.94 9.51 -21.02
CA VAL B 143 7.68 8.36 -21.55
C VAL B 143 9.14 8.75 -21.84
N GLU B 144 9.34 9.92 -22.44
CA GLU B 144 10.69 10.38 -22.75
C GLU B 144 11.53 10.51 -21.47
N ILE B 145 10.89 11.00 -20.41
CA ILE B 145 11.53 11.18 -19.11
C ILE B 145 11.77 9.83 -18.42
N ALA B 146 10.80 8.93 -18.48
CA ALA B 146 11.01 7.63 -17.85
C ALA B 146 12.24 6.93 -18.43
N LEU B 147 12.45 7.05 -19.73
CA LEU B 147 13.54 6.37 -20.44
C LEU B 147 14.77 7.23 -20.55
N SER B 148 15.10 7.94 -19.48
CA SER B 148 16.21 8.88 -19.46
C SER B 148 17.55 8.16 -19.20
N GLY B 149 18.63 8.89 -19.44
CA GLY B 149 19.95 8.41 -19.03
C GLY B 149 19.93 7.85 -17.63
N VAL B 150 19.37 8.60 -16.68
CA VAL B 150 19.06 8.00 -15.39
C VAL B 150 17.59 7.65 -15.42
N PRO B 151 17.25 6.40 -15.72
CA PRO B 151 15.83 6.03 -15.88
C PRO B 151 15.10 6.11 -14.56
N GLY B 152 13.77 6.22 -14.65
CA GLY B 152 12.98 6.37 -13.46
C GLY B 152 11.49 6.29 -13.69
N PRO B 153 10.74 6.19 -12.60
CA PRO B 153 9.27 6.16 -12.69
C PRO B 153 8.67 7.53 -12.95
N VAL B 154 7.51 7.52 -13.61
CA VAL B 154 6.76 8.73 -13.89
C VAL B 154 5.30 8.47 -13.55
N HIS B 155 4.57 9.56 -13.28
CA HIS B 155 3.17 9.48 -12.89
C HIS B 155 2.36 10.44 -13.74
N ILE B 156 1.28 9.91 -14.34
CA ILE B 156 0.28 10.67 -15.07
C ILE B 156 -1.07 10.31 -14.47
N ALA B 157 -1.79 11.33 -14.00
CA ALA B 157 -3.15 11.17 -13.50
C ALA B 157 -4.12 11.68 -14.55
N LEU B 158 -5.10 10.86 -14.95
CA LEU B 158 -6.08 11.25 -15.95
C LEU B 158 -7.49 11.26 -15.43
N PRO B 159 -8.05 12.46 -15.21
CA PRO B 159 -9.47 12.60 -14.86
C PRO B 159 -10.38 11.79 -15.78
N ILE B 160 -11.41 11.18 -15.17
CA ILE B 160 -12.23 10.19 -15.86
C ILE B 160 -13.00 10.80 -17.05
N ASP B 161 -13.42 12.08 -16.96
CA ASP B 161 -14.04 12.72 -18.11
C ASP B 161 -13.04 12.91 -19.25
N VAL B 162 -11.83 13.40 -18.92
CA VAL B 162 -10.79 13.53 -19.93
C VAL B 162 -10.54 12.21 -20.61
N GLN B 163 -10.60 11.10 -19.86
CA GLN B 163 -10.37 9.79 -20.46
C GLN B 163 -11.30 9.52 -21.65
N HIS B 164 -12.54 10.03 -21.60
CA HIS B 164 -13.55 9.72 -22.60
C HIS B 164 -13.70 10.81 -23.68
N GLN B 165 -13.06 11.95 -23.51
CA GLN B 165 -13.09 13.03 -24.45
C GLN B 165 -12.25 12.75 -25.67
N GLN B 166 -12.63 13.31 -26.79
CA GLN B 166 -11.92 13.10 -28.02
C GLN B 166 -10.71 14.01 -28.03
N VAL B 167 -9.58 13.55 -28.51
CA VAL B 167 -8.42 14.39 -28.56
C VAL B 167 -8.49 15.13 -29.86
N PRO B 168 -8.17 16.40 -29.83
CA PRO B 168 -8.14 17.37 -30.89
C PRO B 168 -7.15 17.04 -31.96
N ASP B 169 -5.92 16.67 -31.65
CA ASP B 169 -5.04 16.29 -32.70
C ASP B 169 -4.52 14.96 -32.30
N ALA B 170 -4.72 13.97 -33.12
CA ALA B 170 -4.29 12.62 -32.86
C ALA B 170 -2.99 12.19 -33.43
N THR B 171 -2.19 13.11 -33.83
CA THR B 171 -0.88 12.81 -34.36
C THR B 171 -0.09 12.24 -33.19
N LEU B 172 0.49 11.04 -33.41
CA LEU B 172 1.31 10.24 -32.51
C LEU B 172 2.78 10.60 -32.62
N PRO B 173 3.48 10.85 -31.52
CA PRO B 173 4.91 11.09 -31.65
C PRO B 173 5.58 9.75 -31.93
N ALA B 174 6.81 9.78 -32.40
CA ALA B 174 7.53 8.52 -32.59
C ALA B 174 7.80 7.89 -31.23
N ALA B 175 8.22 6.64 -31.25
CA ALA B 175 8.60 6.01 -29.99
C ALA B 175 9.79 6.73 -29.38
N ALA B 176 9.79 6.83 -28.05
CA ALA B 176 10.91 7.44 -27.35
C ALA B 176 12.16 6.59 -27.58
N GLU B 177 13.28 7.27 -27.84
CA GLU B 177 14.54 6.57 -27.77
C GLU B 177 15.07 6.69 -26.34
N ARG B 178 15.55 5.60 -25.81
CA ARG B 178 16.09 5.57 -24.51
C ARG B 178 17.39 6.31 -24.60
N ASN B 179 17.63 7.19 -23.67
CA ASN B 179 18.85 7.94 -23.66
C ASN B 179 19.95 7.23 -22.90
N LEU B 180 21.19 7.37 -23.34
CA LEU B 180 22.37 6.85 -22.68
C LEU B 180 23.31 8.00 -22.46
N ILE B 181 23.68 8.33 -21.24
CA ILE B 181 24.60 9.42 -21.00
C ILE B 181 25.94 9.20 -21.66
N THR B 182 26.41 10.17 -22.41
CA THR B 182 27.64 10.01 -23.16
C THR B 182 28.80 10.36 -22.27
N PRO B 183 29.82 9.52 -22.18
CA PRO B 183 31.02 9.86 -21.42
C PRO B 183 31.94 10.76 -22.23
N ASP B 184 32.70 11.58 -21.52
CA ASP B 184 33.71 12.43 -22.16
C ASP B 184 34.88 11.52 -22.54
N ALA B 185 35.20 11.48 -23.84
CA ALA B 185 36.24 10.59 -24.30
C ALA B 185 37.60 10.95 -23.71
N ASP B 186 37.84 12.25 -23.43
CA ASP B 186 39.09 12.66 -22.80
C ASP B 186 39.22 12.05 -21.40
N VAL B 187 38.13 12.07 -20.62
CA VAL B 187 38.14 11.46 -19.28
C VAL B 187 38.45 9.97 -19.40
N LEU B 188 37.78 9.26 -20.30
CA LEU B 188 38.03 7.81 -20.43
C LEU B 188 39.49 7.53 -20.77
N ASP B 189 40.07 8.32 -21.67
CA ASP B 189 41.47 8.07 -22.02
C ASP B 189 42.37 8.37 -20.83
N ARG B 190 42.05 9.40 -20.06
CA ARG B 190 42.89 9.69 -18.90
C ARG B 190 42.76 8.61 -17.82
N VAL B 191 41.54 8.13 -17.58
CA VAL B 191 41.37 7.03 -16.64
C VAL B 191 42.17 5.83 -17.10
N ALA B 192 42.06 5.47 -18.38
CA ALA B 192 42.81 4.33 -18.90
C ALA B 192 44.30 4.50 -18.64
N GLU B 193 44.81 5.71 -18.84
CA GLU B 193 46.22 5.98 -18.55
C GLU B 193 46.53 5.71 -17.08
N GLU B 194 45.60 6.05 -16.19
CA GLU B 194 45.94 5.94 -14.79
C GLU B 194 45.79 4.51 -14.27
N LEU B 195 44.93 3.69 -14.89
CA LEU B 195 44.89 2.26 -14.58
C LEU B 195 46.17 1.54 -15.04
N ILE B 196 46.68 1.87 -16.24
CA ILE B 196 47.94 1.31 -16.70
C ILE B 196 49.08 1.68 -15.75
N ALA B 197 49.16 2.98 -15.38
CA ALA B 197 50.31 3.53 -14.65
C ALA B 197 50.42 2.97 -13.24
N ARG B 198 49.30 2.90 -12.57
CA ARG B 198 49.26 2.45 -11.21
C ARG B 198 49.30 0.98 -11.03
N GLU B 199 49.34 0.24 -12.11
CA GLU B 199 49.47 -1.20 -12.11
C GLU B 199 48.44 -2.07 -11.44
N SER B 200 48.19 -1.91 -10.18
CA SER B 200 47.28 -2.75 -9.51
C SER B 200 46.02 -2.10 -9.10
N GLY B 201 45.01 -2.92 -8.92
CA GLY B 201 43.74 -2.43 -8.43
C GLY B 201 42.72 -3.55 -8.35
N TYR B 202 41.50 -3.17 -7.96
CA TYR B 202 40.39 -4.10 -7.96
C TYR B 202 39.13 -3.37 -8.41
N ILE B 203 38.15 -4.15 -8.85
CA ILE B 203 36.87 -3.65 -9.33
C ILE B 203 35.82 -3.97 -8.29
N LEU B 204 35.06 -2.96 -7.88
CA LEU B 204 33.83 -3.16 -7.11
C LEU B 204 32.67 -2.97 -8.07
N ALA B 205 31.99 -4.06 -8.42
CA ALA B 205 30.91 -4.04 -9.39
C ALA B 205 29.57 -4.02 -8.68
N GLY B 206 28.81 -2.95 -8.88
CA GLY B 206 27.42 -2.87 -8.47
C GLY B 206 26.46 -3.25 -9.58
N GLN B 207 25.18 -3.07 -9.31
CA GLN B 207 24.16 -3.58 -10.25
C GLN B 207 24.05 -2.73 -11.52
N GLY B 208 24.78 -1.62 -11.59
CA GLY B 208 24.86 -0.87 -12.83
C GLY B 208 25.61 -1.58 -13.94
N ILE B 209 26.23 -2.73 -13.65
CA ILE B 209 26.91 -3.51 -14.68
C ILE B 209 25.96 -4.49 -15.35
N ARG B 210 24.68 -4.49 -14.98
CA ARG B 210 23.80 -5.58 -15.42
C ARG B 210 23.67 -5.66 -16.94
N ASN B 211 23.78 -4.53 -17.65
CA ASN B 211 23.64 -4.51 -19.11
C ASN B 211 24.98 -4.60 -19.85
N ALA B 212 26.08 -4.84 -19.15
CA ALA B 212 27.39 -4.88 -19.78
C ALA B 212 28.28 -5.88 -19.03
N VAL B 213 27.72 -7.05 -18.70
CA VAL B 213 28.50 -8.06 -18.01
C VAL B 213 29.67 -8.54 -18.86
N PRO B 214 29.49 -8.90 -20.13
CA PRO B 214 30.66 -9.34 -20.91
C PRO B 214 31.75 -8.27 -21.04
N ALA B 215 31.37 -6.99 -21.23
CA ALA B 215 32.38 -5.94 -21.25
C ALA B 215 33.05 -5.80 -19.88
N LEU B 216 32.24 -5.87 -18.81
CA LEU B 216 32.77 -5.75 -17.45
C LEU B 216 33.81 -6.82 -17.16
N LEU B 217 33.53 -8.06 -17.57
CA LEU B 217 34.46 -9.16 -17.33
C LEU B 217 35.70 -9.02 -18.19
N GLU B 218 35.54 -8.54 -19.43
CA GLU B 218 36.72 -8.35 -20.27
C GLU B 218 37.65 -7.29 -19.69
N LEU B 219 37.10 -6.20 -19.16
CA LEU B 219 37.93 -5.16 -18.54
C LEU B 219 38.74 -5.72 -17.39
N ALA B 220 38.12 -6.55 -16.54
CA ALA B 220 38.87 -7.20 -15.48
C ALA B 220 39.97 -8.10 -16.05
N GLU B 221 39.65 -8.86 -17.12
CA GLU B 221 40.63 -9.76 -17.74
C GLU B 221 41.81 -8.99 -18.34
N VAL B 222 41.52 -7.93 -19.11
CA VAL B 222 42.56 -7.09 -19.71
C VAL B 222 43.49 -6.49 -18.65
N LEU B 223 42.93 -6.04 -17.53
CA LEU B 223 43.73 -5.48 -16.45
C LEU B 223 44.33 -6.54 -15.55
N ASN B 224 43.81 -7.76 -15.61
CA ASN B 224 44.07 -8.82 -14.62
C ASN B 224 43.91 -8.30 -13.19
N TRP B 225 42.72 -7.82 -12.90
CA TRP B 225 42.35 -7.37 -11.57
C TRP B 225 41.22 -8.23 -11.00
N PRO B 226 41.18 -8.45 -9.69
CA PRO B 226 40.03 -9.16 -9.11
C PRO B 226 38.78 -8.28 -9.08
N VAL B 227 37.62 -8.93 -9.09
CA VAL B 227 36.31 -8.27 -9.02
C VAL B 227 35.60 -8.73 -7.75
N VAL B 228 35.04 -7.80 -6.99
CA VAL B 228 34.05 -8.12 -5.98
C VAL B 228 32.75 -7.45 -6.37
N THR B 229 31.63 -8.09 -6.11
CA THR B 229 30.33 -7.51 -6.40
C THR B 229 29.66 -7.03 -5.12
N THR B 230 28.75 -6.07 -5.28
CA THR B 230 27.86 -5.73 -4.18
C THR B 230 26.90 -6.88 -3.91
N PRO B 231 26.32 -6.96 -2.72
CA PRO B 231 25.26 -7.95 -2.51
C PRO B 231 24.18 -7.87 -3.60
N GLN B 232 23.76 -6.66 -3.94
CA GLN B 232 22.73 -6.50 -4.97
C GLN B 232 23.18 -7.05 -6.33
N ALA B 233 24.48 -7.00 -6.64
CA ALA B 233 24.98 -7.44 -7.94
C ALA B 233 25.47 -8.87 -7.92
N LYS B 234 25.16 -9.64 -6.86
CA LYS B 234 25.74 -10.97 -6.66
C LYS B 234 25.60 -11.84 -7.89
N GLY B 235 24.43 -11.80 -8.53
CA GLY B 235 24.10 -12.71 -9.60
C GLY B 235 24.60 -12.35 -10.97
N TYR B 236 25.35 -11.27 -11.13
CA TYR B 236 25.76 -10.84 -12.46
C TYR B 236 27.07 -11.45 -12.92
N LEU B 237 27.90 -11.94 -12.01
CA LEU B 237 29.20 -12.51 -12.36
C LEU B 237 29.27 -13.94 -11.84
N PRO B 238 29.53 -14.93 -12.69
CA PRO B 238 29.50 -16.33 -12.25
C PRO B 238 30.69 -16.68 -11.35
N ALA B 239 30.45 -17.60 -10.42
CA ALA B 239 31.51 -18.01 -9.50
C ALA B 239 32.68 -18.65 -10.22
N SER B 240 32.43 -19.28 -11.37
CA SER B 240 33.45 -19.98 -12.15
C SER B 240 34.54 -19.07 -12.73
N HIS B 241 34.28 -17.78 -12.89
CA HIS B 241 35.25 -16.90 -13.50
C HIS B 241 36.44 -16.70 -12.58
N PRO B 242 37.67 -16.88 -13.07
CA PRO B 242 38.85 -16.88 -12.18
C PRO B 242 39.11 -15.55 -11.44
N LEU B 243 38.61 -14.43 -11.94
CA LEU B 243 38.86 -13.14 -11.32
C LEU B 243 37.77 -12.71 -10.33
N VAL B 244 36.64 -13.42 -10.28
CA VAL B 244 35.51 -13.00 -9.44
C VAL B 244 35.71 -13.59 -8.05
N VAL B 245 35.90 -12.72 -7.06
CA VAL B 245 36.21 -13.14 -5.70
C VAL B 245 34.96 -13.46 -4.91
N GLY B 246 33.93 -12.65 -5.00
CA GLY B 246 32.72 -12.89 -4.22
C GLY B 246 32.04 -11.57 -3.91
N VAL B 247 31.19 -11.62 -2.88
CA VAL B 247 30.36 -10.47 -2.52
C VAL B 247 31.05 -9.68 -1.42
N TYR B 248 31.11 -8.35 -1.58
CA TYR B 248 31.52 -7.46 -0.51
C TYR B 248 30.32 -6.66 0.00
N GLY B 249 30.12 -6.66 1.31
CA GLY B 249 29.05 -5.89 1.91
C GLY B 249 28.12 -6.77 2.74
N PHE B 250 26.87 -6.33 2.84
CA PHE B 250 25.89 -7.04 3.62
C PHE B 250 25.86 -8.52 3.21
N ALA B 251 25.99 -9.42 4.19
CA ALA B 251 25.98 -10.86 4.03
C ALA B 251 27.13 -11.38 3.15
N GLY B 252 28.19 -10.58 3.01
CA GLY B 252 29.24 -10.88 2.06
C GLY B 252 30.29 -11.85 2.58
N HIS B 253 31.22 -12.14 1.68
CA HIS B 253 32.20 -13.20 1.82
C HIS B 253 33.49 -12.73 2.48
N GLU B 254 34.13 -13.63 3.23
CA GLU B 254 35.29 -13.12 3.94
C GLU B 254 36.46 -12.92 2.98
N ALA B 255 36.53 -13.72 1.92
CA ALA B 255 37.59 -13.53 0.94
C ALA B 255 37.51 -12.14 0.29
N ALA B 256 36.30 -11.64 0.04
CA ALA B 256 36.12 -10.29 -0.49
C ALA B 256 36.46 -9.24 0.54
N SER B 257 36.11 -9.47 1.81
CA SER B 257 36.42 -8.49 2.82
C SER B 257 37.93 -8.42 3.03
N GLU B 258 38.62 -9.56 2.91
CA GLU B 258 40.06 -9.57 3.11
C GLU B 258 40.78 -8.80 2.00
N LEU B 259 40.30 -8.91 0.76
CA LEU B 259 40.84 -8.12 -0.34
C LEU B 259 40.62 -6.62 -0.11
N VAL B 260 39.37 -6.21 0.04
CA VAL B 260 39.07 -4.78 0.15
C VAL B 260 39.87 -4.15 1.29
N SER B 261 40.06 -4.87 2.40
CA SER B 261 40.69 -4.30 3.60
C SER B 261 42.20 -4.56 3.72
N GLY B 262 42.78 -5.33 2.80
CA GLY B 262 44.21 -5.48 2.72
C GLY B 262 44.89 -4.28 2.09
N ASP B 263 46.23 -4.37 2.02
CA ASP B 263 47.12 -3.32 1.55
C ASP B 263 47.64 -3.53 0.13
N ALA B 264 46.87 -4.17 -0.74
CA ALA B 264 47.46 -4.73 -1.94
C ALA B 264 47.09 -4.03 -3.25
N HIS B 265 45.94 -3.35 -3.36
CA HIS B 265 45.50 -2.92 -4.69
C HIS B 265 45.38 -1.39 -4.80
N ASN B 266 46.18 -0.81 -5.70
CA ASN B 266 46.39 0.65 -5.70
C ASN B 266 45.13 1.40 -6.11
N VAL B 267 44.38 0.90 -7.09
CA VAL B 267 43.21 1.57 -7.62
C VAL B 267 41.95 0.86 -7.14
N ALA B 268 41.00 1.65 -6.66
CA ALA B 268 39.63 1.20 -6.41
C ALA B 268 38.78 1.65 -7.60
N LEU B 269 38.48 0.69 -8.49
CA LEU B 269 37.66 0.91 -9.69
C LEU B 269 36.22 0.55 -9.38
N ILE B 270 35.43 1.55 -9.02
CA ILE B 270 34.04 1.36 -8.62
C ILE B 270 33.16 1.54 -9.85
N ILE B 271 32.43 0.49 -10.23
CA ILE B 271 31.68 0.46 -11.48
C ILE B 271 30.22 0.17 -11.16
N GLY B 272 29.39 1.20 -11.22
CA GLY B 272 27.96 0.99 -11.15
C GLY B 272 27.46 0.67 -9.75
N SER B 273 27.94 1.38 -8.73
CA SER B 273 27.43 1.26 -7.37
C SER B 273 27.33 2.65 -6.74
N SER B 274 26.19 2.94 -6.09
CA SER B 274 26.01 4.21 -5.40
C SER B 274 26.74 4.27 -4.06
N LEU B 275 27.35 3.15 -3.65
CA LEU B 275 28.14 3.15 -2.44
C LEU B 275 27.26 3.44 -1.22
N GLY B 276 26.08 2.80 -1.21
CA GLY B 276 25.14 2.89 -0.12
C GLY B 276 25.42 1.86 0.96
N GLU B 277 24.51 1.81 1.93
CA GLU B 277 24.74 1.08 3.18
C GLU B 277 25.14 -0.38 2.95
N THR B 278 24.41 -1.11 2.08
CA THR B 278 24.68 -2.53 2.01
C THR B 278 25.83 -2.84 1.08
N ALA B 279 26.22 -1.88 0.25
CA ALA B 279 27.35 -2.05 -0.66
C ALA B 279 28.71 -1.81 0.01
N THR B 280 28.73 -1.17 1.19
CA THR B 280 29.96 -0.70 1.81
C THR B 280 30.12 -1.19 3.25
N ASN B 281 29.33 -2.16 3.69
CA ASN B 281 29.35 -2.62 5.08
C ASN B 281 29.13 -1.44 6.03
N ASN B 282 27.99 -0.79 5.82
CA ASN B 282 27.61 0.40 6.56
C ASN B 282 28.76 1.42 6.62
N TYR B 283 29.14 1.88 5.41
CA TYR B 283 30.06 3.01 5.16
C TYR B 283 31.42 2.80 5.81
N ASN B 284 31.97 1.62 5.54
CA ASN B 284 33.32 1.29 5.95
C ASN B 284 34.32 1.87 4.96
N ALA B 285 35.42 2.39 5.48
CA ALA B 285 36.36 3.12 4.63
C ALA B 285 37.31 2.24 3.81
N ALA B 286 37.40 0.93 4.09
CA ALA B 286 38.36 0.07 3.39
C ALA B 286 38.21 0.15 1.87
N ILE B 287 36.97 0.34 1.36
CA ILE B 287 36.73 0.36 -0.08
C ILE B 287 37.78 1.20 -0.79
N THR B 288 37.99 2.45 -0.32
CA THR B 288 38.84 3.38 -1.05
C THR B 288 40.00 3.94 -0.24
N GLN B 289 40.16 3.56 1.03
CA GLN B 289 41.21 4.20 1.83
C GLN B 289 42.58 3.93 1.24
N ASP B 290 43.35 5.01 1.06
CA ASP B 290 44.74 4.96 0.53
C ASP B 290 44.80 4.26 -0.82
N ARG B 291 43.73 4.41 -1.59
CA ARG B 291 43.66 3.91 -2.95
C ARG B 291 43.25 5.07 -3.86
N PHE B 292 43.62 4.94 -5.14
CA PHE B 292 43.21 5.87 -6.18
C PHE B 292 41.84 5.44 -6.68
N THR B 293 40.84 6.31 -6.53
CA THR B 293 39.44 5.91 -6.65
C THR B 293 38.85 6.44 -7.96
N VAL B 294 38.33 5.52 -8.78
CA VAL B 294 37.65 5.83 -10.05
C VAL B 294 36.23 5.30 -9.99
N GLN B 295 35.26 6.17 -10.25
CA GLN B 295 33.85 5.77 -10.19
C GLN B 295 33.16 5.97 -11.54
N LEU B 296 32.49 4.94 -12.03
CA LEU B 296 31.71 4.97 -13.26
C LEU B 296 30.22 4.88 -12.92
N ASP B 297 29.46 5.91 -13.31
CA ASP B 297 28.04 5.94 -12.98
C ASP B 297 27.32 6.87 -13.96
N PHE B 298 26.02 6.66 -14.20
CA PHE B 298 25.32 7.61 -15.07
C PHE B 298 24.58 8.67 -14.30
N ASP B 299 24.65 8.64 -12.99
CA ASP B 299 23.96 9.57 -12.12
C ASP B 299 24.97 10.51 -11.47
N ALA B 300 24.99 11.78 -11.87
CA ALA B 300 26.04 12.66 -11.41
C ALA B 300 25.95 12.95 -9.91
N SER B 301 24.77 12.75 -9.32
CA SER B 301 24.66 12.96 -7.88
C SER B 301 25.46 11.98 -7.02
N VAL B 302 25.90 10.81 -7.54
CA VAL B 302 26.49 9.80 -6.67
C VAL B 302 27.94 10.09 -6.33
N PHE B 303 28.64 10.86 -7.14
CA PHE B 303 30.05 11.09 -6.88
C PHE B 303 30.25 12.00 -5.68
N ASN B 304 31.12 11.56 -4.75
CA ASN B 304 31.54 12.33 -3.58
C ASN B 304 30.45 12.50 -2.53
N ARG B 305 29.40 11.68 -2.56
CA ARG B 305 28.44 11.69 -1.46
C ARG B 305 29.14 11.39 -0.15
N LYS B 306 29.91 10.34 -0.12
CA LYS B 306 30.64 9.97 1.09
C LYS B 306 32.10 9.61 0.78
N TYR B 307 32.37 8.92 -0.33
CA TYR B 307 33.73 8.53 -0.69
C TYR B 307 34.31 9.51 -1.71
N ALA B 308 35.42 10.17 -1.34
CA ALA B 308 36.06 11.09 -2.27
C ALA B 308 36.57 10.29 -3.47
N VAL B 309 36.29 10.81 -4.66
CA VAL B 309 36.58 10.15 -5.95
C VAL B 309 37.62 10.98 -6.68
N ASP B 310 38.72 10.32 -7.10
CA ASP B 310 39.75 11.00 -7.86
C ASP B 310 39.36 11.25 -9.30
N GLU B 311 38.60 10.33 -9.89
CA GLU B 311 38.14 10.45 -11.27
C GLU B 311 36.70 9.97 -11.31
N ALA B 312 35.78 10.88 -11.57
CA ALA B 312 34.38 10.52 -11.76
C ALA B 312 34.11 10.43 -13.25
N VAL B 313 33.58 9.29 -13.68
CA VAL B 313 33.33 9.05 -15.10
C VAL B 313 31.82 9.01 -15.28
N LEU B 314 31.24 10.16 -15.56
CA LEU B 314 29.81 10.23 -15.88
C LEU B 314 29.57 9.61 -17.25
N GLY B 315 28.64 8.69 -17.31
CA GLY B 315 28.35 8.01 -18.55
C GLY B 315 27.68 6.68 -18.31
N ASP B 316 26.93 6.24 -19.29
CA ASP B 316 26.29 4.95 -19.18
C ASP B 316 27.31 3.82 -19.28
N ILE B 317 27.19 2.84 -18.40
CA ILE B 317 28.19 1.76 -18.31
C ILE B 317 28.29 1.02 -19.63
N THR B 318 27.18 0.89 -20.38
CA THR B 318 27.26 0.14 -21.65
C THR B 318 28.00 0.91 -22.71
N LEU B 319 28.30 2.19 -22.47
CA LEU B 319 29.21 2.98 -23.29
C LEU B 319 30.61 3.07 -22.71
N SER B 320 30.74 3.37 -21.40
CA SER B 320 32.07 3.69 -20.87
C SER B 320 32.91 2.45 -20.58
N VAL B 321 32.31 1.36 -20.12
CA VAL B 321 33.14 0.19 -19.83
C VAL B 321 33.70 -0.37 -21.14
N PRO B 322 32.92 -0.51 -22.21
CA PRO B 322 33.53 -0.99 -23.46
C PRO B 322 34.54 -0.03 -24.02
N ALA B 323 34.33 1.28 -23.84
CA ALA B 323 35.31 2.26 -24.28
C ALA B 323 36.61 2.14 -23.48
N LEU B 324 36.48 1.94 -22.16
CA LEU B 324 37.63 1.77 -21.29
C LEU B 324 38.43 0.52 -21.65
N VAL B 325 37.73 -0.55 -22.02
CA VAL B 325 38.39 -1.77 -22.46
C VAL B 325 39.22 -1.50 -23.72
N GLU B 326 38.69 -0.68 -24.63
CA GLU B 326 39.45 -0.41 -25.85
C GLU B 326 40.62 0.50 -25.55
N ALA B 327 40.43 1.47 -24.65
CA ALA B 327 41.51 2.41 -24.35
C ALA B 327 42.65 1.71 -23.61
N VAL B 328 42.33 0.79 -22.70
CA VAL B 328 43.39 0.06 -22.00
C VAL B 328 44.07 -0.93 -22.93
N LYS B 329 43.31 -1.57 -23.81
CA LYS B 329 43.92 -2.50 -24.76
C LYS B 329 44.88 -1.74 -25.67
N ALA B 330 44.51 -0.53 -26.08
CA ALA B 330 45.34 0.22 -27.01
C ALA B 330 46.67 0.64 -26.39
N ARG B 331 46.71 0.82 -25.08
CA ARG B 331 47.90 1.30 -24.38
C ARG B 331 48.72 0.17 -23.76
N LYS B 332 48.36 -1.09 -24.05
CA LYS B 332 49.07 -2.24 -23.50
C LYS B 332 48.85 -3.51 -24.34
N VAL B 342 43.71 -15.17 -8.06
CA VAL B 342 43.47 -14.50 -6.78
C VAL B 342 42.73 -15.44 -5.81
N LYS B 343 42.90 -15.33 -4.49
CA LYS B 343 42.12 -16.07 -3.52
C LYS B 343 40.62 -15.75 -3.57
N LYS B 344 39.83 -16.66 -4.10
CA LYS B 344 38.39 -16.55 -4.22
C LYS B 344 37.73 -17.10 -2.99
N GLN B 345 36.46 -16.87 -2.84
CA GLN B 345 35.75 -17.33 -1.66
C GLN B 345 35.37 -18.79 -1.85
N ALA B 346 35.69 -19.60 -0.82
CA ALA B 346 35.42 -21.04 -0.90
C ALA B 346 33.92 -21.29 -0.96
N PRO B 347 33.45 -22.10 -1.90
CA PRO B 347 32.01 -22.37 -2.00
C PRO B 347 31.48 -23.06 -0.73
N SER B 348 30.20 -22.82 -0.44
CA SER B 348 29.62 -23.37 0.77
C SER B 348 29.22 -24.83 0.58
N GLU B 349 29.40 -25.63 1.62
CA GLU B 349 29.14 -27.07 1.59
C GLU B 349 27.88 -27.34 2.42
N GLY B 350 26.93 -28.04 1.81
CA GLY B 350 25.67 -28.33 2.47
C GLY B 350 25.74 -29.55 3.36
N GLY B 351 24.81 -29.62 4.32
CA GLY B 351 24.80 -30.70 5.30
C GLY B 351 23.47 -31.39 5.56
N SER B 352 23.38 -32.10 6.66
CA SER B 352 22.19 -32.83 6.95
C SER B 352 21.34 -32.16 7.94
N GLU B 353 21.97 -31.34 8.78
CA GLU B 353 21.27 -30.60 9.84
C GLU B 353 20.12 -29.78 9.26
N TYR B 354 18.99 -29.76 9.96
CA TYR B 354 17.85 -29.05 9.41
C TYR B 354 18.03 -27.58 9.75
N THR B 355 18.77 -26.90 8.87
CA THR B 355 19.08 -25.48 9.00
C THR B 355 18.73 -24.75 7.72
N THR B 356 18.47 -23.45 7.84
CA THR B 356 18.20 -22.63 6.65
C THR B 356 19.35 -22.73 5.64
N LYS B 357 20.60 -22.67 6.11
CA LYS B 357 21.71 -22.78 5.18
C LYS B 357 21.61 -24.07 4.41
N ASN B 358 21.34 -25.18 5.11
CA ASN B 358 21.37 -26.50 4.49
C ASN B 358 20.14 -26.76 3.63
N VAL B 359 18.97 -26.25 4.03
CA VAL B 359 17.79 -26.40 3.19
C VAL B 359 18.00 -25.71 1.86
N LEU B 360 18.49 -24.45 1.90
CA LEU B 360 18.66 -23.71 0.66
C LEU B 360 19.74 -24.32 -0.23
N LEU B 361 20.86 -24.79 0.32
CA LEU B 361 21.87 -25.39 -0.56
C LEU B 361 21.34 -26.69 -1.15
N ALA B 362 20.56 -27.45 -0.36
CA ALA B 362 19.90 -28.65 -0.88
C ALA B 362 18.93 -28.29 -2.02
N LEU B 363 18.15 -27.23 -1.81
CA LEU B 363 17.28 -26.73 -2.89
C LEU B 363 18.07 -26.51 -4.18
N GLN B 364 19.18 -25.75 -4.09
CA GLN B 364 19.90 -25.39 -5.30
C GLN B 364 20.41 -26.64 -6.04
N GLN B 365 20.72 -27.72 -5.30
CA GLN B 365 21.24 -28.90 -5.98
C GLN B 365 20.16 -29.62 -6.76
N SER B 366 18.90 -29.19 -6.64
CA SER B 366 17.78 -29.79 -7.37
C SER B 366 17.24 -28.91 -8.47
N LEU B 367 17.80 -27.75 -8.69
CA LEU B 367 17.22 -26.83 -9.65
C LEU B 367 18.12 -26.65 -10.86
N PRO B 368 17.55 -26.37 -12.02
CA PRO B 368 18.38 -26.10 -13.19
C PRO B 368 19.38 -24.99 -12.88
N ALA B 369 20.55 -25.08 -13.49
CA ALA B 369 21.53 -24.02 -13.30
C ALA B 369 21.00 -22.67 -13.76
N SER B 370 20.03 -22.64 -14.67
CA SER B 370 19.57 -21.37 -15.24
C SER B 370 18.54 -20.68 -14.35
N THR B 371 18.19 -21.29 -13.22
CA THR B 371 17.17 -20.73 -12.35
C THR B 371 17.51 -19.30 -11.92
N ARG B 372 16.53 -18.40 -12.04
CA ARG B 372 16.59 -17.10 -11.40
C ARG B 372 15.90 -17.18 -10.04
N TYR B 373 16.62 -16.84 -8.99
CA TYR B 373 16.05 -16.72 -7.66
C TYR B 373 15.60 -15.27 -7.47
N THR B 374 14.32 -15.06 -7.20
CA THR B 374 13.83 -13.76 -6.75
C THR B 374 13.69 -13.83 -5.24
N ILE B 375 14.41 -12.98 -4.53
CA ILE B 375 14.58 -13.13 -3.09
C ILE B 375 13.82 -12.01 -2.38
N ASP B 376 12.86 -12.39 -1.56
CA ASP B 376 12.06 -11.44 -0.79
C ASP B 376 12.89 -10.91 0.38
N ILE B 377 12.25 -10.15 1.26
CA ILE B 377 12.91 -9.42 2.33
C ILE B 377 12.74 -10.19 3.65
N GLY B 378 13.80 -10.81 4.12
CA GLY B 378 13.69 -11.54 5.36
C GLY B 378 15.01 -12.17 5.70
N GLU B 379 15.06 -12.82 6.83
CA GLU B 379 16.34 -13.46 7.18
C GLU B 379 16.93 -14.43 6.15
N PHE B 380 16.14 -15.12 5.36
CA PHE B 380 16.66 -15.95 4.35
C PHE B 380 17.49 -15.26 3.32
N MET B 381 17.40 -13.96 3.23
CA MET B 381 18.14 -13.17 2.26
C MET B 381 19.65 -13.30 2.46
N SER B 382 20.10 -13.22 3.72
CA SER B 382 21.51 -13.33 4.06
C SER B 382 22.09 -14.68 3.67
N TYR B 383 21.33 -15.74 3.89
CA TYR B 383 21.79 -17.07 3.51
C TYR B 383 21.90 -17.20 2.01
N MET B 384 20.93 -16.65 1.25
CA MET B 384 21.00 -16.66 -0.22
C MET B 384 22.26 -15.95 -0.70
N ILE B 385 22.51 -14.74 -0.19
CA ILE B 385 23.67 -13.95 -0.64
C ILE B 385 24.99 -14.62 -0.23
N ASN B 386 25.08 -15.09 1.03
CA ASN B 386 26.36 -15.54 1.54
C ASN B 386 26.72 -16.92 1.04
N HIS B 387 25.74 -17.80 0.83
CA HIS B 387 25.98 -19.25 0.70
C HIS B 387 25.72 -19.84 -0.67
N LEU B 388 24.71 -19.40 -1.40
CA LEU B 388 24.44 -20.10 -2.64
C LEU B 388 25.44 -19.71 -3.73
N GLU B 389 25.60 -20.61 -4.69
CA GLU B 389 26.54 -20.45 -5.79
C GLU B 389 25.89 -19.66 -6.92
N VAL B 390 26.66 -18.77 -7.54
CA VAL B 390 26.20 -18.06 -8.74
C VAL B 390 26.64 -18.94 -9.93
N LYS B 391 25.71 -19.73 -10.46
CA LYS B 391 26.07 -20.70 -11.49
C LYS B 391 26.23 -20.05 -12.86
N GLU B 392 25.39 -19.07 -13.19
CA GLU B 392 25.53 -18.33 -14.43
C GLU B 392 24.96 -16.93 -14.19
N SER B 393 25.21 -16.02 -15.13
CA SER B 393 24.79 -14.63 -14.92
C SER B 393 23.27 -14.47 -14.95
N TYR B 394 22.81 -13.39 -14.31
CA TYR B 394 21.41 -12.93 -14.36
C TYR B 394 20.47 -13.78 -13.51
N THR B 395 20.95 -14.34 -12.41
CA THR B 395 20.17 -15.35 -11.69
C THR B 395 19.78 -14.94 -10.27
N TYR B 396 20.09 -13.73 -9.81
CA TYR B 396 19.77 -13.33 -8.44
C TYR B 396 19.04 -11.98 -8.45
N GLU B 397 17.72 -12.03 -8.34
CA GLU B 397 16.90 -10.83 -8.17
C GLU B 397 16.88 -10.56 -6.67
N ILE B 398 17.72 -9.62 -6.23
CA ILE B 398 17.89 -9.26 -4.83
C ILE B 398 17.50 -7.81 -4.66
N ASN B 399 16.90 -7.49 -3.50
CA ASN B 399 16.68 -6.10 -3.12
C ASN B 399 17.20 -5.88 -1.72
N VAL B 400 18.33 -5.19 -1.60
CA VAL B 400 18.87 -4.79 -0.32
C VAL B 400 18.95 -3.27 -0.32
N HIS B 401 17.95 -2.62 -0.94
CA HIS B 401 17.90 -1.17 -1.01
C HIS B 401 16.62 -0.68 -0.34
N PHE B 402 15.56 -0.39 -1.10
CA PHE B 402 14.29 -0.02 -0.51
C PHE B 402 13.74 -1.16 0.33
N GLY B 403 13.83 -2.39 -0.17
CA GLY B 403 13.47 -3.59 0.56
C GLY B 403 12.03 -3.75 1.00
N ALA B 404 11.09 -3.63 0.08
CA ALA B 404 9.68 -3.82 0.38
C ALA B 404 9.34 -5.30 0.55
N MET B 405 8.77 -5.66 1.70
CA MET B 405 8.27 -7.02 1.87
C MET B 405 7.26 -7.34 0.78
N GLY B 406 7.42 -8.49 0.15
CA GLY B 406 6.58 -8.85 -0.97
C GLY B 406 7.12 -8.49 -2.32
N SER B 407 8.21 -7.72 -2.39
CA SER B 407 8.79 -7.37 -3.68
C SER B 407 9.44 -8.59 -4.32
N GLY B 408 9.88 -9.54 -3.50
CA GLY B 408 10.35 -10.82 -4.03
C GLY B 408 9.25 -11.59 -4.73
N ILE B 409 8.08 -11.70 -4.10
CA ILE B 409 6.93 -12.31 -4.76
C ILE B 409 6.62 -11.57 -6.07
N GLY B 410 6.51 -10.24 -6.01
CA GLY B 410 6.24 -9.46 -7.20
C GLY B 410 7.27 -9.65 -8.29
N SER B 411 8.55 -9.73 -7.91
CA SER B 411 9.62 -9.78 -8.89
C SER B 411 9.63 -11.10 -9.67
N ALA B 412 9.20 -12.18 -9.03
CA ALA B 412 9.03 -13.45 -9.72
C ALA B 412 7.98 -13.36 -10.82
N ILE B 413 6.85 -12.72 -10.52
CA ILE B 413 5.80 -12.61 -11.52
C ILE B 413 6.27 -11.71 -12.66
N GLY B 414 6.90 -10.58 -12.32
CA GLY B 414 7.45 -9.71 -13.33
C GLY B 414 8.51 -10.40 -14.18
N SER B 415 9.38 -11.18 -13.53
CA SER B 415 10.43 -11.92 -14.23
C SER B 415 9.85 -12.99 -15.17
N LYS B 416 8.85 -13.72 -14.72
CA LYS B 416 8.32 -14.81 -15.53
C LYS B 416 7.57 -14.28 -16.74
N LEU B 417 7.00 -13.09 -16.64
CA LEU B 417 6.30 -12.47 -17.77
C LEU B 417 7.26 -11.92 -18.82
N ALA B 418 8.40 -11.41 -18.39
CA ALA B 418 9.34 -10.76 -19.28
C ALA B 418 10.31 -11.73 -19.93
N GLU B 419 10.61 -12.83 -19.24
CA GLU B 419 11.63 -13.78 -19.66
C GLU B 419 11.07 -15.18 -19.42
N PRO B 420 10.06 -15.58 -20.19
CA PRO B 420 9.36 -16.83 -19.88
C PRO B 420 10.25 -18.06 -19.90
N GLU B 421 11.25 -18.10 -20.78
CA GLU B 421 12.11 -19.27 -20.98
C GLU B 421 13.02 -19.55 -19.78
N ARG B 422 13.15 -18.59 -18.84
CA ARG B 422 14.02 -18.76 -17.70
C ARG B 422 13.19 -19.18 -16.49
N PRO B 423 13.57 -20.28 -15.85
CA PRO B 423 12.85 -20.74 -14.65
C PRO B 423 13.04 -19.77 -13.50
N VAL B 424 12.01 -19.67 -12.64
CA VAL B 424 12.02 -18.74 -11.52
C VAL B 424 11.70 -19.47 -10.22
N VAL B 425 12.51 -19.24 -9.20
CA VAL B 425 12.21 -19.67 -7.84
C VAL B 425 12.22 -18.43 -6.94
N CYS B 426 11.15 -18.27 -6.18
CA CYS B 426 11.02 -17.17 -5.26
C CYS B 426 11.26 -17.71 -3.85
N ILE B 427 12.25 -17.12 -3.18
CA ILE B 427 12.56 -17.43 -1.79
C ILE B 427 11.90 -16.32 -0.97
N THR B 428 10.92 -16.70 -0.19
CA THR B 428 10.16 -15.76 0.58
C THR B 428 9.90 -16.24 1.98
N GLY B 429 9.17 -15.44 2.75
CA GLY B 429 8.89 -15.80 4.13
C GLY B 429 7.43 -15.66 4.46
N ASP B 430 7.04 -16.16 5.63
CA ASP B 430 5.65 -16.12 6.06
C ASP B 430 5.10 -14.70 6.20
N GLY B 431 5.97 -13.76 6.55
CA GLY B 431 5.55 -12.41 6.72
C GLY B 431 5.35 -11.78 5.39
N CYS B 432 6.17 -12.10 4.43
CA CYS B 432 5.95 -11.61 3.08
C CYS B 432 4.81 -12.33 2.42
N PHE B 433 4.59 -13.58 2.82
CA PHE B 433 3.42 -14.29 2.31
C PHE B 433 2.12 -13.70 2.84
N PHE B 434 2.06 -13.29 4.11
CA PHE B 434 0.81 -12.67 4.56
C PHE B 434 0.59 -11.29 3.95
N MET B 435 1.67 -10.62 3.52
CA MET B 435 1.52 -9.30 2.94
C MET B 435 1.07 -9.38 1.48
N HIS B 436 1.74 -10.20 0.67
CA HIS B 436 1.44 -10.22 -0.75
C HIS B 436 1.30 -11.63 -1.31
N GLY B 437 1.14 -12.62 -0.43
CA GLY B 437 0.99 -13.99 -0.88
C GLY B 437 -0.25 -14.24 -1.72
N MET B 438 -1.26 -13.36 -1.60
CA MET B 438 -2.43 -13.55 -2.45
C MET B 438 -2.06 -13.43 -3.92
N GLU B 439 -0.92 -12.79 -4.22
CA GLU B 439 -0.49 -12.68 -5.61
C GLU B 439 -0.21 -14.04 -6.23
N LEU B 440 -0.08 -15.11 -5.43
CA LEU B 440 0.01 -16.44 -6.04
C LEU B 440 -1.24 -16.73 -6.86
N LEU B 441 -2.38 -16.16 -6.46
CA LEU B 441 -3.58 -16.27 -7.28
C LEU B 441 -3.39 -15.57 -8.63
N THR B 442 -2.64 -14.47 -8.66
CA THR B 442 -2.31 -13.82 -9.93
C THR B 442 -1.43 -14.72 -10.78
N ALA B 443 -0.41 -15.33 -10.20
CA ALA B 443 0.39 -16.29 -10.96
C ALA B 443 -0.49 -17.40 -11.50
N LYS B 444 -1.48 -17.85 -10.71
CA LYS B 444 -2.38 -18.92 -11.15
C LYS B 444 -3.20 -18.49 -12.37
N GLU B 445 -3.83 -17.29 -12.29
CA GLU B 445 -4.68 -16.79 -13.38
C GLU B 445 -3.93 -16.71 -14.70
N TYR B 446 -2.66 -16.31 -14.66
CA TYR B 446 -1.87 -16.12 -15.86
C TYR B 446 -0.95 -17.31 -16.16
N ASN B 447 -1.15 -18.44 -15.47
CA ASN B 447 -0.47 -19.71 -15.77
C ASN B 447 1.05 -19.53 -15.86
N LEU B 448 1.60 -18.90 -14.82
CA LEU B 448 3.02 -18.61 -14.69
C LEU B 448 3.70 -19.70 -13.88
N PRO B 449 4.55 -20.52 -14.45
CA PRO B 449 5.24 -21.53 -13.62
C PRO B 449 6.34 -20.90 -12.77
N ILE B 450 6.08 -20.76 -11.47
CA ILE B 450 7.00 -20.23 -10.49
C ILE B 450 6.92 -21.14 -9.27
N LEU B 451 8.07 -21.57 -8.75
CA LEU B 451 8.11 -22.27 -7.47
C LEU B 451 8.31 -21.24 -6.36
N PHE B 452 7.35 -21.19 -5.43
CA PHE B 452 7.44 -20.28 -4.30
C PHE B 452 7.90 -21.09 -3.09
N VAL B 453 9.12 -20.84 -2.63
CA VAL B 453 9.66 -21.48 -1.43
C VAL B 453 9.38 -20.53 -0.26
N VAL B 454 8.51 -20.94 0.67
CA VAL B 454 8.09 -20.06 1.75
C VAL B 454 8.78 -20.54 3.03
N MET B 455 9.69 -19.70 3.55
CA MET B 455 10.47 -19.95 4.76
C MET B 455 9.63 -19.49 5.95
N ASN B 456 8.93 -20.43 6.56
CA ASN B 456 7.91 -20.15 7.56
C ASN B 456 8.48 -20.50 8.93
N ASN B 457 8.81 -19.48 9.70
CA ASN B 457 9.26 -19.64 11.06
C ASN B 457 8.32 -19.11 12.07
N ALA B 458 7.13 -18.76 11.63
CA ALA B 458 6.06 -18.21 12.42
C ALA B 458 6.37 -16.98 13.21
N ARG B 459 7.24 -16.22 12.64
CA ARG B 459 7.62 -15.01 13.22
C ARG B 459 8.14 -14.14 12.16
N LEU B 460 8.20 -12.89 12.54
CA LEU B 460 8.70 -11.85 11.74
C LEU B 460 10.06 -11.70 12.23
N GLY B 461 11.03 -12.25 11.53
CA GLY B 461 12.42 -12.12 11.93
C GLY B 461 13.09 -10.80 11.61
N MET B 462 14.41 -10.80 11.62
CA MET B 462 15.20 -9.59 11.36
C MET B 462 14.78 -8.37 12.20
N SER B 476 7.02 -11.21 21.71
CA SER B 476 5.64 -11.68 21.75
C SER B 476 4.84 -11.16 20.55
N ALA B 477 5.17 -9.92 20.17
CA ALA B 477 4.61 -9.31 18.97
C ALA B 477 5.19 -9.91 17.68
N PHE B 478 6.46 -10.34 17.70
CA PHE B 478 7.13 -10.87 16.50
C PHE B 478 6.76 -12.31 16.20
N GLU B 479 6.28 -13.01 17.22
CA GLU B 479 5.97 -14.42 17.24
C GLU B 479 4.48 -14.60 17.04
N GLN B 480 4.09 -15.52 16.17
CA GLN B 480 2.67 -15.74 15.89
C GLN B 480 2.35 -17.21 16.07
N GLU B 481 1.08 -17.52 16.09
CA GLU B 481 0.69 -18.90 15.97
C GLU B 481 0.99 -19.37 14.55
N PRO B 482 1.56 -20.55 14.39
CA PRO B 482 1.95 -21.00 13.05
C PRO B 482 0.75 -21.17 12.13
N VAL B 483 0.94 -20.82 10.87
CA VAL B 483 -0.05 -21.03 9.81
C VAL B 483 0.52 -22.09 8.89
N ASN B 484 -0.32 -23.01 8.46
CA ASN B 484 0.05 -24.03 7.50
C ASN B 484 -0.07 -23.42 6.10
N ILE B 485 1.02 -22.83 5.62
CA ILE B 485 0.95 -22.13 4.34
C ILE B 485 0.82 -23.12 3.18
N SER B 486 1.40 -24.31 3.32
CA SER B 486 1.16 -25.35 2.33
C SER B 486 -0.33 -25.70 2.24
N ALA B 487 -1.03 -25.75 3.39
CA ALA B 487 -2.47 -26.03 3.35
C ALA B 487 -3.22 -24.88 2.72
N MET B 488 -2.85 -23.63 3.06
CA MET B 488 -3.44 -22.48 2.37
C MET B 488 -3.25 -22.60 0.86
N ALA B 489 -2.03 -22.94 0.41
CA ALA B 489 -1.80 -23.10 -1.03
C ALA B 489 -2.76 -24.14 -1.62
N ALA B 490 -2.91 -25.28 -0.95
CA ALA B 490 -3.79 -26.31 -1.50
C ALA B 490 -5.24 -25.81 -1.59
N ALA B 491 -5.70 -25.04 -0.61
CA ALA B 491 -7.07 -24.51 -0.69
C ALA B 491 -7.24 -23.50 -1.82
N MET B 492 -6.16 -22.83 -2.25
CA MET B 492 -6.17 -21.97 -3.41
C MET B 492 -6.06 -22.75 -4.72
N GLY B 493 -6.09 -24.08 -4.70
CA GLY B 493 -5.86 -24.83 -5.94
C GLY B 493 -4.43 -24.79 -6.47
N ILE B 494 -3.44 -24.73 -5.59
CA ILE B 494 -2.05 -24.59 -5.95
C ILE B 494 -1.29 -25.80 -5.42
N PRO B 495 -0.53 -26.51 -6.25
CA PRO B 495 0.30 -27.61 -5.72
C PRO B 495 1.28 -27.14 -4.65
N SER B 496 1.44 -27.97 -3.61
CA SER B 496 2.36 -27.62 -2.54
C SER B 496 2.82 -28.87 -1.82
N HIS B 497 3.99 -28.74 -1.17
CA HIS B 497 4.50 -29.71 -0.21
C HIS B 497 4.98 -28.95 1.01
N ARG B 498 4.81 -29.54 2.20
CA ARG B 498 5.35 -28.98 3.44
C ARG B 498 6.62 -29.74 3.81
N VAL B 499 7.70 -28.98 4.08
CA VAL B 499 8.97 -29.51 4.57
C VAL B 499 9.10 -29.21 6.07
N SER B 500 9.28 -30.27 6.90
CA SER B 500 9.51 -30.14 8.36
C SER B 500 10.77 -30.83 8.83
N GLU B 501 11.54 -31.40 7.93
CA GLU B 501 12.66 -32.25 8.29
C GLU B 501 13.47 -32.34 7.02
N MET B 502 14.78 -32.56 7.14
CA MET B 502 15.55 -32.49 5.90
C MET B 502 15.12 -33.57 4.92
N GLU B 503 14.63 -34.70 5.44
CA GLU B 503 14.18 -35.80 4.59
C GLU B 503 12.98 -35.40 3.72
N ASP B 504 12.23 -34.36 4.10
CA ASP B 504 11.10 -33.96 3.28
C ASP B 504 11.52 -33.21 2.02
N LEU B 505 12.76 -32.69 1.96
CA LEU B 505 13.23 -31.91 0.82
C LEU B 505 13.95 -32.83 -0.16
N THR B 506 13.18 -33.42 -1.06
CA THR B 506 13.68 -34.41 -1.99
C THR B 506 13.73 -33.82 -3.39
N GLU B 507 14.67 -34.31 -4.19
CA GLU B 507 14.71 -33.83 -5.57
C GLU B 507 13.40 -34.14 -6.32
N GLU B 508 12.79 -35.26 -6.06
CA GLU B 508 11.59 -35.66 -6.72
C GLU B 508 10.51 -34.69 -6.55
N ARG B 509 10.42 -34.15 -5.36
CA ARG B 509 9.35 -33.23 -4.97
C ARG B 509 9.53 -31.83 -5.54
N VAL B 510 10.78 -31.30 -5.50
CA VAL B 510 11.07 -29.99 -6.08
C VAL B 510 10.75 -30.04 -7.55
N GLN B 511 11.13 -31.16 -8.15
CA GLN B 511 11.03 -31.47 -9.57
C GLN B 511 9.59 -31.63 -9.99
N GLU B 512 8.75 -32.31 -9.19
CA GLU B 512 7.31 -32.40 -9.43
C GLU B 512 6.63 -31.02 -9.32
N LEU B 513 7.14 -30.13 -8.47
CA LEU B 513 6.49 -28.83 -8.31
C LEU B 513 6.82 -27.90 -9.47
N LEU B 514 8.03 -27.97 -9.96
CA LEU B 514 8.52 -27.16 -11.03
C LEU B 514 7.99 -27.57 -12.34
N SER B 515 7.33 -28.69 -12.39
CA SER B 515 6.81 -29.22 -13.61
C SER B 515 5.37 -28.92 -13.81
N HIS B 516 4.87 -28.01 -13.03
CA HIS B 516 3.52 -27.67 -13.07
C HIS B 516 3.35 -26.44 -13.90
N ASN B 517 2.26 -26.35 -14.59
CA ASN B 517 1.92 -25.16 -15.40
C ASN B 517 1.11 -24.14 -14.61
N GLY B 518 1.86 -23.47 -13.75
CA GLY B 518 1.32 -22.54 -12.81
C GLY B 518 2.22 -22.46 -11.59
N PRO B 519 1.79 -21.69 -10.59
CA PRO B 519 2.59 -21.55 -9.37
C PRO B 519 2.52 -22.84 -8.56
N ALA B 520 3.54 -23.01 -7.70
CA ALA B 520 3.57 -24.09 -6.73
C ALA B 520 4.30 -23.60 -5.49
N VAL B 521 3.93 -24.16 -4.33
CA VAL B 521 4.43 -23.73 -3.02
C VAL B 521 5.19 -24.87 -2.37
N LEU B 522 6.44 -24.62 -2.02
CA LEU B 522 7.25 -25.49 -1.15
C LEU B 522 7.42 -24.75 0.17
N GLU B 523 6.69 -25.16 1.20
CA GLU B 523 6.76 -24.49 2.50
C GLU B 523 7.81 -25.17 3.38
N VAL B 524 8.79 -24.40 3.82
CA VAL B 524 9.85 -24.90 4.68
C VAL B 524 9.53 -24.40 6.09
N PHE B 525 8.87 -25.24 6.89
CA PHE B 525 8.54 -24.91 8.26
C PHE B 525 9.75 -25.17 9.13
N LEU B 526 10.40 -24.10 9.58
CA LEU B 526 11.78 -24.16 10.08
C LEU B 526 11.96 -23.04 11.07
N LYS B 527 12.03 -23.36 12.37
CA LYS B 527 12.34 -22.35 13.38
C LYS B 527 13.84 -22.40 13.68
N ASP B 528 14.63 -21.86 12.73
CA ASP B 528 16.09 -21.85 12.84
C ASP B 528 16.57 -20.63 13.64
N ASN B 529 17.33 -20.91 14.70
CA ASN B 529 17.75 -19.89 15.65
C ASN B 529 19.25 -19.62 15.57
N SER B 530 19.90 -20.05 14.49
CA SER B 530 21.29 -19.72 14.22
C SER B 530 21.38 -18.25 13.82
N THR B 531 22.61 -17.71 13.84
CA THR B 531 22.60 -16.29 13.42
C THR B 531 22.90 -16.14 11.92
N PRO B 532 22.08 -15.31 11.26
CA PRO B 532 22.26 -15.06 9.82
C PRO B 532 23.64 -14.45 9.53
N PRO B 533 24.19 -14.71 8.33
CA PRO B 533 25.35 -13.96 7.82
C PRO B 533 25.03 -12.47 7.58
PB ADP C . -21.51 12.27 4.09
O1B ADP C . -21.81 13.64 3.49
O2B ADP C . -22.43 11.75 5.15
O3B ADP C . -21.31 11.22 3.01
PA ADP C . -18.90 13.41 4.53
O1A ADP C . -17.68 12.92 5.26
O2A ADP C . -18.81 13.74 3.06
O3A ADP C . -20.12 12.39 4.89
O5' ADP C . -19.45 14.71 5.24
C5' ADP C . -19.26 14.86 6.65
C4' ADP C . -19.11 16.35 6.93
O4' ADP C . -19.49 16.59 8.31
C3' ADP C . -17.76 17.05 6.79
O3' ADP C . -18.09 18.21 6.01
C2' ADP C . -17.23 17.40 8.17
O2' ADP C . -16.59 18.66 8.13
C1' ADP C . -18.51 17.40 8.98
N9 ADP C . -18.39 16.95 10.39
C8 ADP C . -17.97 15.80 10.93
N7 ADP C . -18.06 15.82 12.30
C5 ADP C . -18.57 17.02 12.62
C6 ADP C . -18.91 17.74 13.84
N6 ADP C . -18.72 17.14 15.01
N1 ADP C . -19.37 19.01 13.75
C2 ADP C . -19.54 19.64 12.56
N3 ADP C . -19.25 19.06 11.36
C4 ADP C . -18.76 17.78 11.35
H5'1 ADP C . -18.36 14.31 6.97
H5'2 ADP C . -20.11 14.44 7.19
H4' ADP C . -19.75 16.78 6.15
H3' ADP C . -16.96 16.46 6.31
HO3' ADP C . -17.29 18.73 5.85
H2' ADP C . -16.47 16.72 8.58
HO2' ADP C . -15.82 18.62 7.53
H1' ADP C . -18.79 18.46 9.05
H8 ADP C . -17.60 14.96 10.35
HN61 ADP C . -18.35 16.20 15.04
HN62 ADP C . -18.95 17.61 15.88
H2 ADP C . -19.93 20.64 12.57
N1' TPP D . 7.01 -3.33 5.89
C2' TPP D . 7.30 -3.39 4.62
CM2 TPP D . 6.34 -2.99 3.60
N3' TPP D . 8.44 -3.82 4.18
C4' TPP D . 9.36 -4.17 5.03
N4' TPP D . 10.49 -4.58 4.59
C5' TPP D . 9.11 -4.13 6.43
C6' TPP D . 7.88 -3.68 6.80
C7' TPP D . 10.14 -4.56 7.44
N3 TPP D . 10.68 -5.92 7.51
C2 TPP D . 11.85 -6.35 7.03
S1 TPP D . 12.17 -8.04 7.30
C5 TPP D . 10.70 -8.20 8.11
C4 TPP D . 10.01 -6.91 8.14
CM4 TPP D . 8.68 -6.79 8.78
C6 TPP D . 10.37 -9.57 8.64
C7 TPP D . 10.32 -10.58 7.48
O7 TPP D . 9.17 -11.44 7.48
PA TPP D . 9.16 -12.93 7.00
O1A TPP D . 8.51 -13.80 7.97
O2A TPP D . 8.90 -13.00 5.62
O3A TPP D . 10.65 -13.22 7.28
PB TPP D . 11.04 -14.28 8.43
O1B TPP D . 10.36 -13.92 9.70
O2B TPP D . 12.53 -14.02 8.50
O3B TPP D . 10.73 -15.59 7.82
HM21 TPP D . 6.31 -1.94 3.55
HM22 TPP D . 6.62 -3.40 2.67
HM23 TPP D . 5.38 -3.36 3.87
HN41 TPP D . 10.56 -4.61 3.60
HN42 TPP D . 11.24 -4.89 5.19
H6' TPP D . 7.62 -3.61 7.86
H7'1 TPP D . 10.92 -3.81 7.55
H7'2 TPP D . 9.50 -4.54 8.31
H2 TPP D . 12.64 -5.84 6.49
HM41 TPP D . 7.93 -7.09 8.11
HM42 TPP D . 8.64 -7.41 9.65
HM43 TPP D . 8.52 -5.78 9.07
H61 TPP D . 11.13 -9.88 9.36
H62 TPP D . 9.40 -9.54 9.14
H71 TPP D . 10.34 -10.03 6.54
H72 TPP D . 11.22 -11.19 7.52
PB ADP E . 24.49 -1.51 -5.47
O1B ADP E . 25.59 -0.49 -5.23
O2B ADP E . 24.92 -2.64 -6.42
O3B ADP E . 23.87 -1.96 -4.16
PA ADP E . 22.76 0.67 -6.23
O1A ADP E . 21.43 0.71 -6.89
O2A ADP E . 22.88 1.31 -4.89
O3A ADP E . 23.32 -0.84 -6.35
O5' ADP E . 23.81 1.41 -7.16
C5' ADP E . 23.51 1.38 -8.54
C4' ADP E . 24.16 2.60 -9.15
O4' ADP E . 24.57 2.30 -10.48
C3' ADP E . 23.32 3.87 -9.26
O3' ADP E . 24.28 4.85 -8.86
C2' ADP E . 22.90 4.06 -10.70
O2' ADP E . 23.05 5.39 -11.13
C1' ADP E . 23.98 3.27 -11.40
N9 ADP E . 23.70 2.61 -12.67
C8 ADP E . 22.76 1.68 -12.97
N7 ADP E . 22.85 1.32 -14.29
C5 ADP E . 23.88 2.04 -14.80
C6 ADP E . 24.51 2.16 -16.11
N6 ADP E . 24.05 1.44 -17.12
N1 ADP E . 25.53 3.02 -16.27
C2 ADP E . 25.98 3.78 -15.26
N3 ADP E . 25.46 3.74 -14.02
C4 ADP E . 24.42 2.89 -13.74
H5'1 ADP E . 22.43 1.39 -8.71
H5'2 ADP E . 23.91 0.47 -9.00
H4' ADP E . 24.97 2.83 -8.44
H3' ADP E . 22.40 3.90 -8.66
HO3' ADP E . 23.84 5.71 -8.78
H2' ADP E . 21.85 3.77 -10.86
HO2' ADP E . 22.59 5.98 -10.52
H1' ADP E . 24.66 4.08 -11.69
H8 ADP E . 22.05 1.27 -12.27
HN61 ADP E . 23.29 0.79 -16.97
HN62 ADP E . 24.50 1.51 -18.03
H2 ADP E . 26.81 4.46 -15.44
MG MG F . 8.77 -15.79 9.17
#